data_2J7C
#
_entry.id   2J7C
#
_cell.length_a   94.302
_cell.length_b   94.518
_cell.length_c   113.805
_cell.angle_alpha   90.00
_cell.angle_beta   90.00
_cell.angle_gamma   90.00
#
_symmetry.space_group_name_H-M   'P 21 21 21'
#
loop_
_entity.id
_entity.type
_entity.pdbx_description
1 polymer 'BETA-GLUCOSIDASE A'
2 non-polymer (5R,6R,7S,8S)-3-(ANILINOMETHYL)-5,6,7,8-TETRAHYDRO-5-(HYDROXYMETHYL)-IMIDAZO[1,2-A]PYRIDINE-6,7,8-TRIOL
3 non-polymer 'ACETATE ION'
4 non-polymer 'CALCIUM ION'
5 water water
#
_entity_poly.entity_id   1
_entity_poly.type   'polypeptide(L)'
_entity_poly.pdbx_seq_one_letter_code
;MGSSHHHHHHSSGLVPRGSHMASNVKKFPEGFLWGVATASYQIEGSPLADGAGMSIWHTFSHTPGNVKNGDTGDVACDHY
NRWKEDIEIIEKLGVKAYRFSISWPRILPEGTGRVNQKGLDFYNRIIDTLLEKGITPFVTIYHWDLPFALQLKGGWANRE
IADWFAEYSRVLFENFGDRVKNWITLNEPWVVAIVGHLYGVHAPGMRDIYVAFRAVHNLLRAHARAVKVFRETVKDGKIG
IVFNNGYFEPASEKEEDIRAVRFMHQFNNYPLFLNPIYRGDYPELVLEFAREYLPENYKDDMSEIQEKIDFVGLNYYSGH
LVKFDPDAPAKVSFVERDLPKTAMGWEIVPEGIYWILKKVKEEYNPPEVYITENGAAFDDVVSEDGRVHDQNRIDYLKAH
IGQAWKAIQEGVPLKGYFVWSLLDNFEWAEGYSKRFGIVYVDYSTQKRIVKDSGYWYSNVVKNNGLED
;
_entity_poly.pdbx_strand_id   A,B
#
# COMPACT_ATOMS: atom_id res chain seq x y z
N VAL A 25 -26.70 28.49 -15.74
CA VAL A 25 -27.13 27.57 -14.64
C VAL A 25 -27.57 26.19 -15.17
N LYS A 26 -27.43 25.16 -14.34
CA LYS A 26 -27.98 23.83 -14.66
C LYS A 26 -29.06 23.43 -13.66
N LYS A 27 -30.28 23.88 -13.91
CA LYS A 27 -31.42 23.56 -13.04
C LYS A 27 -32.06 22.23 -13.43
N PHE A 28 -32.47 21.46 -12.42
CA PHE A 28 -33.06 20.13 -12.60
C PHE A 28 -34.59 20.21 -12.70
N PRO A 29 -35.26 19.12 -13.12
CA PRO A 29 -36.73 19.13 -13.25
C PRO A 29 -37.45 19.46 -11.96
N GLU A 30 -38.63 20.04 -12.06
CA GLU A 30 -39.48 20.25 -10.87
C GLU A 30 -39.71 18.91 -10.13
N GLY A 31 -39.58 18.92 -8.81
CA GLY A 31 -39.80 17.72 -8.02
C GLY A 31 -38.66 16.69 -7.98
N PHE A 32 -37.52 17.01 -8.62
CA PHE A 32 -36.32 16.16 -8.57
C PHE A 32 -35.87 15.89 -7.11
N LEU A 33 -35.57 14.63 -6.83
CA LEU A 33 -35.33 14.18 -5.47
C LEU A 33 -33.85 14.20 -5.18
N TRP A 34 -33.41 15.22 -4.43
CA TRP A 34 -32.04 15.25 -3.88
C TRP A 34 -31.99 14.47 -2.57
N GLY A 35 -31.10 13.48 -2.53
CA GLY A 35 -30.98 12.65 -1.36
C GLY A 35 -29.59 12.43 -0.84
N VAL A 36 -29.54 11.79 0.32
CA VAL A 36 -28.31 11.25 0.87
C VAL A 36 -28.62 9.77 1.19
N ALA A 37 -27.57 8.95 1.20
CA ALA A 37 -27.74 7.51 1.41
C ALA A 37 -26.85 6.94 2.53
N THR A 38 -27.37 5.93 3.23
CA THR A 38 -26.64 5.18 4.24
C THR A 38 -27.01 3.70 4.14
N ALA A 39 -26.38 2.86 5.01
CA ALA A 39 -26.74 1.45 5.18
C ALA A 39 -26.66 1.09 6.66
N SER A 40 -27.56 0.23 7.13
CA SER A 40 -27.71 -0.17 8.53
C SER A 40 -26.40 -0.55 9.23
N TYR A 41 -25.69 -1.54 8.69
CA TYR A 41 -24.47 -2.06 9.38
C TYR A 41 -23.36 -1.00 9.39
N GLN A 42 -23.31 -0.17 8.36
CA GLN A 42 -22.28 0.87 8.28
C GLN A 42 -22.42 2.01 9.28
N ILE A 43 -23.63 2.29 9.75
CA ILE A 43 -23.84 3.47 10.62
C ILE A 43 -24.40 3.19 12.01
N GLU A 44 -25.18 2.13 12.14
CA GLU A 44 -26.00 1.94 13.34
C GLU A 44 -25.22 1.62 14.62
N GLY A 45 -24.26 0.69 14.54
CA GLY A 45 -23.73 0.10 15.79
C GLY A 45 -24.81 -0.66 16.54
N SER A 46 -24.54 -1.05 17.78
CA SER A 46 -25.48 -1.84 18.59
C SER A 46 -26.09 -3.03 17.80
N PRO A 47 -25.23 -3.85 17.15
CA PRO A 47 -25.76 -4.93 16.29
C PRO A 47 -26.61 -5.93 17.03
N LEU A 48 -26.43 -6.06 18.34
CA LEU A 48 -27.16 -7.11 19.10
C LEU A 48 -28.12 -6.52 20.12
N ALA A 49 -28.39 -5.22 20.00
CA ALA A 49 -29.34 -4.56 20.92
C ALA A 49 -30.77 -4.98 20.63
N ASP A 50 -31.60 -4.96 21.69
CA ASP A 50 -33.05 -5.14 21.58
C ASP A 50 -33.44 -6.40 20.84
N GLY A 51 -32.82 -7.52 21.19
CA GLY A 51 -33.18 -8.81 20.57
C GLY A 51 -32.76 -9.08 19.11
N ALA A 52 -32.00 -8.18 18.50
CA ALA A 52 -31.48 -8.43 17.12
C ALA A 52 -30.70 -9.74 17.06
N GLY A 53 -30.80 -10.47 15.93
CA GLY A 53 -29.91 -11.61 15.68
C GLY A 53 -28.58 -11.16 15.12
N MET A 54 -27.54 -12.01 15.19
CA MET A 54 -26.30 -11.77 14.47
C MET A 54 -26.54 -11.71 12.94
N SER A 55 -25.77 -10.87 12.27
CA SER A 55 -25.72 -10.85 10.81
C SER A 55 -24.38 -11.43 10.42
N ILE A 56 -24.24 -11.73 9.14
CA ILE A 56 -22.98 -12.22 8.56
C ILE A 56 -21.85 -11.19 8.62
N TRP A 57 -22.20 -9.89 8.68
CA TRP A 57 -21.16 -8.83 8.84
C TRP A 57 -20.64 -8.72 10.27
N HIS A 58 -21.50 -9.06 11.22
CA HIS A 58 -21.10 -9.21 12.62
C HIS A 58 -20.06 -10.33 12.74
N THR A 59 -20.40 -11.54 12.29
CA THR A 59 -19.49 -12.69 12.42
C THR A 59 -18.23 -12.55 11.53
N PHE A 60 -18.38 -11.99 10.32
CA PHE A 60 -17.23 -11.72 9.41
C PHE A 60 -16.25 -10.70 9.98
N SER A 61 -16.77 -9.60 10.52
CA SER A 61 -15.87 -8.57 11.04
C SER A 61 -15.26 -8.94 12.40
N HIS A 62 -15.93 -9.81 13.14
CA HIS A 62 -15.31 -10.36 14.36
C HIS A 62 -14.36 -11.55 14.11
N THR A 63 -14.15 -11.86 12.84
CA THR A 63 -13.18 -12.87 12.45
C THR A 63 -11.86 -12.15 12.15
N PRO A 64 -10.79 -12.44 12.93
CA PRO A 64 -9.50 -11.73 12.73
C PRO A 64 -9.01 -11.86 11.29
N GLY A 65 -8.51 -10.78 10.73
CA GLY A 65 -7.96 -10.77 9.38
C GLY A 65 -8.88 -10.34 8.25
N ASN A 66 -10.19 -10.22 8.52
CA ASN A 66 -11.14 -9.93 7.45
C ASN A 66 -11.28 -8.45 7.12
N VAL A 67 -11.18 -7.61 8.15
CA VAL A 67 -11.41 -6.17 8.04
C VAL A 67 -10.20 -5.38 8.55
N LYS A 68 -9.84 -4.32 7.81
CA LYS A 68 -8.72 -3.47 8.20
C LYS A 68 -8.77 -3.04 9.68
N ASN A 69 -7.61 -3.17 10.36
CA ASN A 69 -7.44 -2.77 11.77
C ASN A 69 -8.32 -3.51 12.75
N GLY A 70 -8.91 -4.62 12.35
CA GLY A 70 -9.82 -5.32 13.23
C GLY A 70 -11.12 -4.54 13.50
N ASP A 71 -11.41 -3.56 12.65
CA ASP A 71 -12.60 -2.73 12.78
C ASP A 71 -13.88 -3.57 12.66
N THR A 72 -14.92 -3.21 13.41
CA THR A 72 -16.22 -3.88 13.28
C THR A 72 -17.35 -2.85 13.27
N GLY A 73 -18.58 -3.31 13.05
CA GLY A 73 -19.73 -2.46 13.19
C GLY A 73 -20.33 -2.38 14.57
N ASP A 74 -19.58 -2.74 15.61
CA ASP A 74 -20.13 -2.76 16.97
C ASP A 74 -20.67 -1.39 17.40
N VAL A 75 -19.93 -0.33 17.05
CA VAL A 75 -20.35 1.03 17.46
C VAL A 75 -20.64 1.88 16.23
N ALA A 76 -19.75 1.82 15.25
CA ALA A 76 -19.92 2.59 14.01
C ALA A 76 -20.23 4.08 14.33
N CYS A 77 -21.28 4.64 13.73
CA CYS A 77 -21.68 6.04 14.00
C CYS A 77 -22.63 6.18 15.20
N ASP A 78 -22.86 5.08 15.94
CA ASP A 78 -23.89 4.98 16.96
C ASP A 78 -25.24 5.60 16.51
N HIS A 79 -25.60 5.42 15.25
CA HIS A 79 -26.86 5.95 14.72
C HIS A 79 -28.04 5.27 15.42
N TYR A 80 -27.80 4.09 15.96
CA TYR A 80 -28.85 3.38 16.65
C TYR A 80 -29.40 4.22 17.82
N ASN A 81 -28.52 5.02 18.42
CA ASN A 81 -28.93 5.96 19.47
C ASN A 81 -29.11 7.41 19.00
N ARG A 82 -28.36 7.80 17.96
CA ARG A 82 -28.24 9.20 17.52
C ARG A 82 -29.04 9.51 16.26
N TRP A 83 -29.92 8.59 15.89
CA TRP A 83 -30.75 8.68 14.71
C TRP A 83 -31.51 10.03 14.58
N LYS A 84 -32.10 10.53 15.66
CA LYS A 84 -32.87 11.80 15.63
C LYS A 84 -31.99 13.01 15.30
N GLU A 85 -30.86 13.15 15.98
CA GLU A 85 -29.79 14.10 15.59
C GLU A 85 -29.42 14.00 14.11
N ASP A 86 -29.18 12.80 13.60
CA ASP A 86 -28.75 12.63 12.19
C ASP A 86 -29.83 13.09 11.20
N ILE A 87 -31.07 12.76 11.49
CA ILE A 87 -32.20 13.18 10.67
C ILE A 87 -32.38 14.71 10.75
N GLU A 88 -32.29 15.28 11.96
CA GLU A 88 -32.24 16.75 12.12
C GLU A 88 -31.15 17.39 11.22
N ILE A 89 -29.98 16.75 11.10
CA ILE A 89 -28.96 17.19 10.11
C ILE A 89 -29.47 17.19 8.67
N ILE A 90 -30.20 16.14 8.29
CA ILE A 90 -30.75 15.97 6.94
C ILE A 90 -31.73 17.13 6.68
N GLU A 91 -32.64 17.34 7.64
CA GLU A 91 -33.66 18.38 7.61
C GLU A 91 -33.00 19.76 7.43
N LYS A 92 -32.09 20.05 8.36
CA LYS A 92 -31.35 21.33 8.37
C LYS A 92 -30.56 21.61 7.07
N LEU A 93 -30.03 20.56 6.45
CA LEU A 93 -29.40 20.70 5.13
C LEU A 93 -30.43 20.87 4.01
N GLY A 94 -31.71 20.67 4.34
CA GLY A 94 -32.80 20.78 3.35
C GLY A 94 -32.84 19.66 2.30
N VAL A 95 -32.17 18.55 2.59
CA VAL A 95 -32.13 17.39 1.70
C VAL A 95 -33.53 16.74 1.70
N LYS A 96 -34.02 16.42 0.53
CA LYS A 96 -35.41 16.01 0.30
C LYS A 96 -35.70 14.50 0.43
N ALA A 97 -34.66 13.67 0.33
CA ALA A 97 -34.85 12.21 0.38
C ALA A 97 -33.73 11.56 1.17
N TYR A 98 -34.06 10.49 1.90
CA TYR A 98 -33.07 9.72 2.66
C TYR A 98 -33.18 8.24 2.28
N ARG A 99 -32.10 7.74 1.68
CA ARG A 99 -31.99 6.33 1.43
C ARG A 99 -31.27 5.70 2.61
N PHE A 100 -31.97 4.79 3.28
CA PHE A 100 -31.40 3.99 4.34
C PHE A 100 -31.80 2.51 4.19
N SER A 101 -31.08 1.63 4.87
CA SER A 101 -31.46 0.22 4.79
C SER A 101 -31.92 -0.29 6.11
N ILE A 102 -32.63 -1.41 6.04
CA ILE A 102 -33.15 -2.12 7.18
C ILE A 102 -32.29 -3.36 7.44
N SER A 103 -31.87 -3.52 8.70
CA SER A 103 -31.17 -4.71 9.14
C SER A 103 -32.14 -5.89 9.25
N TRP A 104 -32.09 -6.81 8.29
CA TRP A 104 -32.90 -8.02 8.33
C TRP A 104 -32.91 -8.71 9.71
N PRO A 105 -31.72 -9.00 10.31
CA PRO A 105 -31.75 -9.65 11.64
C PRO A 105 -32.31 -8.83 12.83
N ARG A 106 -32.50 -7.51 12.69
CA ARG A 106 -33.27 -6.78 13.75
C ARG A 106 -34.75 -7.10 13.66
N ILE A 107 -35.23 -7.38 12.45
CA ILE A 107 -36.64 -7.59 12.17
C ILE A 107 -37.00 -9.04 12.39
N LEU A 108 -36.18 -9.95 11.85
CA LEU A 108 -36.41 -11.39 12.02
C LEU A 108 -35.08 -11.98 12.48
N PRO A 109 -34.86 -12.08 13.80
CA PRO A 109 -33.59 -12.49 14.40
C PRO A 109 -33.02 -13.85 13.90
N GLU A 110 -33.90 -14.79 13.58
CA GLU A 110 -33.47 -16.05 12.93
C GLU A 110 -33.70 -16.04 11.42
N GLY A 111 -33.94 -14.87 10.86
CA GLY A 111 -34.13 -14.75 9.43
C GLY A 111 -35.53 -15.00 8.91
N THR A 112 -36.18 -16.05 9.41
CA THR A 112 -37.61 -16.28 9.15
C THR A 112 -38.33 -16.60 10.46
N GLY A 113 -39.66 -16.64 10.44
CA GLY A 113 -40.42 -16.96 11.65
C GLY A 113 -40.60 -15.74 12.54
N ARG A 114 -39.96 -15.73 13.69
CA ARG A 114 -40.27 -14.73 14.70
C ARG A 114 -39.97 -13.29 14.24
N VAL A 115 -40.91 -12.38 14.50
CA VAL A 115 -40.73 -10.94 14.23
C VAL A 115 -40.46 -10.19 15.57
N ASN A 116 -39.43 -9.37 15.54
CA ASN A 116 -38.98 -8.60 16.68
C ASN A 116 -39.59 -7.16 16.65
N GLN A 117 -40.56 -6.91 17.53
CA GLN A 117 -41.28 -5.63 17.55
C GLN A 117 -40.34 -4.44 17.82
N LYS A 118 -39.30 -4.67 18.61
CA LYS A 118 -38.29 -3.65 18.91
C LYS A 118 -37.45 -3.24 17.69
N GLY A 119 -37.23 -4.17 16.77
CA GLY A 119 -36.55 -3.83 15.53
C GLY A 119 -37.45 -2.98 14.65
N LEU A 120 -38.72 -3.36 14.60
CA LEU A 120 -39.73 -2.63 13.85
C LEU A 120 -39.90 -1.21 14.41
N ASP A 121 -39.93 -1.11 15.74
CA ASP A 121 -40.09 0.17 16.42
C ASP A 121 -38.96 1.16 16.05
N PHE A 122 -37.72 0.68 16.06
CA PHE A 122 -36.54 1.44 15.60
C PHE A 122 -36.71 2.12 14.23
N TYR A 123 -37.14 1.36 13.21
CA TYR A 123 -37.32 1.92 11.89
C TYR A 123 -38.64 2.74 11.77
N ASN A 124 -39.66 2.35 12.53
CA ASN A 124 -40.92 3.13 12.61
C ASN A 124 -40.68 4.61 13.03
N ARG A 125 -39.96 4.80 14.12
CA ARG A 125 -39.50 6.12 14.58
C ARG A 125 -38.72 6.91 13.53
N ILE A 126 -37.78 6.26 12.83
CA ILE A 126 -37.07 6.92 11.76
C ILE A 126 -38.04 7.34 10.66
N ILE A 127 -38.86 6.40 10.20
CA ILE A 127 -39.87 6.66 9.16
C ILE A 127 -40.81 7.83 9.54
N ASP A 128 -41.39 7.78 10.73
CA ASP A 128 -42.34 8.80 11.17
C ASP A 128 -41.70 10.19 11.25
N THR A 129 -40.46 10.22 11.74
CA THR A 129 -39.68 11.44 11.88
C THR A 129 -39.40 12.10 10.54
N LEU A 130 -38.94 11.31 9.57
CA LEU A 130 -38.68 11.77 8.20
C LEU A 130 -39.94 12.38 7.57
N LEU A 131 -41.04 11.65 7.65
CA LEU A 131 -42.32 12.11 7.16
C LEU A 131 -42.77 13.45 7.78
N GLU A 132 -42.70 13.55 9.11
CA GLU A 132 -43.00 14.80 9.84
C GLU A 132 -42.19 15.96 9.31
N LYS A 133 -40.92 15.70 8.99
CA LYS A 133 -40.00 16.72 8.52
C LYS A 133 -40.03 16.91 7.02
N GLY A 134 -40.93 16.21 6.34
CA GLY A 134 -41.04 16.33 4.88
C GLY A 134 -39.94 15.72 4.05
N ILE A 135 -39.25 14.71 4.59
CA ILE A 135 -38.19 13.98 3.90
C ILE A 135 -38.75 12.65 3.37
N THR A 136 -38.40 12.30 2.13
CA THR A 136 -38.93 11.10 1.49
C THR A 136 -38.08 9.86 1.77
N PRO A 137 -38.67 8.84 2.46
CA PRO A 137 -37.91 7.60 2.73
C PRO A 137 -37.75 6.75 1.49
N PHE A 138 -36.52 6.37 1.18
CA PHE A 138 -36.21 5.32 0.21
C PHE A 138 -35.57 4.16 0.98
N VAL A 139 -36.26 3.02 1.04
CA VAL A 139 -35.82 1.91 1.90
C VAL A 139 -35.17 0.80 1.07
N THR A 140 -33.90 0.52 1.36
CA THR A 140 -33.20 -0.65 0.82
C THR A 140 -33.48 -1.78 1.74
N ILE A 141 -34.13 -2.82 1.22
CA ILE A 141 -34.51 -3.98 2.04
C ILE A 141 -33.25 -4.79 2.47
N TYR A 142 -32.34 -4.95 1.53
CA TYR A 142 -31.10 -5.69 1.76
C TYR A 142 -29.88 -4.96 1.32
N HIS A 143 -29.10 -4.51 2.29
CA HIS A 143 -27.80 -3.91 2.00
C HIS A 143 -26.75 -4.71 2.80
N TRP A 144 -26.79 -6.04 2.60
CA TRP A 144 -25.66 -6.94 2.85
C TRP A 144 -25.59 -7.62 4.23
N ASP A 145 -26.42 -7.19 5.16
CA ASP A 145 -26.38 -7.80 6.50
C ASP A 145 -27.39 -8.92 6.67
N LEU A 146 -27.19 -10.01 5.93
CA LEU A 146 -27.97 -11.24 6.06
C LEU A 146 -27.93 -11.78 7.48
N PRO A 147 -29.08 -12.27 8.00
CA PRO A 147 -29.04 -12.97 9.27
C PRO A 147 -28.05 -14.11 9.23
N PHE A 148 -27.16 -14.17 10.20
CA PHE A 148 -26.29 -15.33 10.39
C PHE A 148 -27.04 -16.67 10.34
N ALA A 149 -28.21 -16.72 10.96
CA ALA A 149 -29.00 -17.95 11.04
C ALA A 149 -29.29 -18.51 9.64
N LEU A 150 -29.50 -17.63 8.66
CA LEU A 150 -29.75 -18.06 7.30
C LEU A 150 -28.47 -18.45 6.57
N GLN A 151 -27.35 -17.81 6.93
CA GLN A 151 -26.05 -18.18 6.34
C GLN A 151 -25.68 -19.61 6.68
N LEU A 152 -26.00 -20.04 7.89
CA LEU A 152 -25.83 -21.43 8.32
C LEU A 152 -26.61 -22.44 7.46
N LYS A 153 -27.68 -21.98 6.82
CA LYS A 153 -28.49 -22.77 5.90
CA LYS A 153 -28.48 -22.77 5.88
C LYS A 153 -28.08 -22.51 4.44
N GLY A 154 -26.88 -21.98 4.25
CA GLY A 154 -26.35 -21.68 2.93
C GLY A 154 -26.51 -20.22 2.43
N GLY A 155 -27.34 -19.40 3.07
CA GLY A 155 -27.57 -18.03 2.60
C GLY A 155 -27.99 -17.92 1.14
N TRP A 156 -27.32 -17.04 0.40
CA TRP A 156 -27.61 -16.79 -1.03
C TRP A 156 -27.40 -17.99 -1.95
N ALA A 157 -26.64 -18.98 -1.50
CA ALA A 157 -26.39 -20.24 -2.21
C ALA A 157 -27.61 -21.19 -2.21
N ASN A 158 -28.53 -20.98 -1.29
CA ASN A 158 -29.69 -21.82 -1.12
C ASN A 158 -30.91 -21.26 -1.85
N ARG A 159 -31.48 -22.02 -2.80
CA ARG A 159 -32.69 -21.61 -3.52
C ARG A 159 -33.80 -21.16 -2.60
N GLU A 160 -33.86 -21.77 -1.42
CA GLU A 160 -34.89 -21.42 -0.44
CA GLU A 160 -34.85 -21.43 -0.41
C GLU A 160 -34.79 -19.95 0.01
N ILE A 161 -33.67 -19.28 -0.25
CA ILE A 161 -33.60 -17.85 0.11
C ILE A 161 -34.68 -16.98 -0.65
N ALA A 162 -35.15 -17.44 -1.82
CA ALA A 162 -36.25 -16.75 -2.53
C ALA A 162 -37.51 -16.67 -1.65
N ASP A 163 -37.83 -17.77 -0.96
CA ASP A 163 -38.88 -17.83 0.09
C ASP A 163 -38.56 -17.02 1.35
N TRP A 164 -37.35 -17.16 1.89
CA TRP A 164 -36.96 -16.38 3.10
C TRP A 164 -37.05 -14.87 2.84
N PHE A 165 -36.54 -14.44 1.68
CA PHE A 165 -36.47 -13.02 1.35
C PHE A 165 -37.88 -12.45 1.14
N ALA A 166 -38.73 -13.24 0.49
CA ALA A 166 -40.14 -12.87 0.27
C ALA A 166 -40.91 -12.70 1.59
N GLU A 167 -40.68 -13.60 2.53
CA GLU A 167 -41.30 -13.51 3.86
C GLU A 167 -40.81 -12.25 4.62
N TYR A 168 -39.51 -12.02 4.62
CA TYR A 168 -38.92 -10.79 5.19
C TYR A 168 -39.52 -9.53 4.54
N SER A 169 -39.45 -9.46 3.22
CA SER A 169 -40.02 -8.33 2.49
C SER A 169 -41.49 -8.12 2.86
N ARG A 170 -42.29 -9.20 2.86
CA ARG A 170 -43.72 -9.11 3.20
CA ARG A 170 -43.71 -9.11 3.21
C ARG A 170 -43.93 -8.44 4.55
N VAL A 171 -43.07 -8.77 5.53
CA VAL A 171 -43.15 -8.18 6.86
C VAL A 171 -42.96 -6.66 6.79
N LEU A 172 -41.95 -6.24 6.05
CA LEU A 172 -41.64 -4.82 5.84
C LEU A 172 -42.80 -4.08 5.16
N PHE A 173 -43.31 -4.67 4.08
CA PHE A 173 -44.43 -4.09 3.35
C PHE A 173 -45.65 -3.90 4.26
N GLU A 174 -45.97 -4.92 5.06
CA GLU A 174 -47.12 -4.90 5.97
CA GLU A 174 -47.12 -4.86 5.95
C GLU A 174 -46.94 -3.86 7.09
N ASN A 175 -45.73 -3.77 7.62
CA ASN A 175 -45.49 -2.83 8.70
C ASN A 175 -45.28 -1.39 8.29
N PHE A 176 -44.62 -1.17 7.14
CA PHE A 176 -44.22 0.19 6.77
C PHE A 176 -44.81 0.72 5.47
N GLY A 177 -45.41 -0.16 4.66
CA GLY A 177 -45.91 0.18 3.31
C GLY A 177 -47.01 1.23 3.30
N ASP A 178 -47.66 1.46 4.43
CA ASP A 178 -48.60 2.57 4.60
C ASP A 178 -47.92 3.94 4.52
N ARG A 179 -46.64 3.99 4.91
CA ARG A 179 -45.86 5.24 4.96
C ARG A 179 -44.73 5.29 3.93
N VAL A 180 -43.95 4.21 3.85
CA VAL A 180 -42.87 4.13 2.86
C VAL A 180 -43.44 3.68 1.52
N LYS A 181 -43.15 4.46 0.47
CA LYS A 181 -43.71 4.21 -0.87
C LYS A 181 -42.62 4.02 -1.92
N ASN A 182 -41.37 4.13 -1.52
CA ASN A 182 -40.24 3.90 -2.41
C ASN A 182 -39.32 2.82 -1.81
N TRP A 183 -39.18 1.71 -2.53
CA TRP A 183 -38.53 0.49 -2.01
C TRP A 183 -37.51 -0.01 -3.01
N ILE A 184 -36.39 -0.51 -2.49
CA ILE A 184 -35.30 -1.08 -3.26
C ILE A 184 -35.10 -2.51 -2.69
N THR A 185 -35.19 -3.55 -3.53
CA THR A 185 -35.06 -4.93 -2.99
C THR A 185 -33.62 -5.21 -2.53
N LEU A 186 -32.67 -5.04 -3.47
CA LEU A 186 -31.27 -5.41 -3.23
C LEU A 186 -30.37 -4.26 -3.59
N ASN A 187 -29.37 -4.02 -2.73
CA ASN A 187 -28.20 -3.23 -3.09
C ASN A 187 -27.07 -4.05 -3.67
N GLU A 188 -26.72 -3.77 -4.93
CA GLU A 188 -25.57 -4.31 -5.60
C GLU A 188 -25.47 -5.84 -5.51
N PRO A 189 -26.45 -6.57 -6.10
CA PRO A 189 -26.34 -8.04 -6.04
C PRO A 189 -25.04 -8.60 -6.68
N TRP A 190 -24.40 -7.87 -7.61
CA TRP A 190 -23.09 -8.32 -8.12
C TRP A 190 -22.07 -8.38 -6.99
N VAL A 191 -22.02 -7.34 -6.15
CA VAL A 191 -21.08 -7.31 -5.04
C VAL A 191 -21.39 -8.48 -4.07
N VAL A 192 -22.67 -8.61 -3.70
CA VAL A 192 -23.13 -9.62 -2.76
C VAL A 192 -22.64 -11.00 -3.21
N ALA A 193 -22.90 -11.34 -4.48
CA ALA A 193 -22.51 -12.65 -5.00
C ALA A 193 -21.00 -12.79 -5.21
N ILE A 194 -20.40 -11.88 -5.98
CA ILE A 194 -19.02 -12.07 -6.41
C ILE A 194 -18.00 -11.65 -5.35
N VAL A 195 -18.18 -10.46 -4.77
CA VAL A 195 -17.23 -10.01 -3.74
C VAL A 195 -17.39 -10.85 -2.45
N GLY A 196 -18.63 -11.26 -2.16
CA GLY A 196 -18.93 -12.07 -0.97
C GLY A 196 -18.62 -13.55 -1.12
N HIS A 197 -18.79 -14.10 -2.34
CA HIS A 197 -18.74 -15.55 -2.52
C HIS A 197 -17.67 -16.10 -3.51
N LEU A 198 -17.02 -15.20 -4.27
CA LEU A 198 -15.89 -15.54 -5.15
C LEU A 198 -14.59 -14.90 -4.69
N TYR A 199 -14.61 -13.60 -4.39
CA TYR A 199 -13.40 -12.91 -3.93
C TYR A 199 -13.18 -13.19 -2.47
N GLY A 200 -14.26 -13.44 -1.72
CA GLY A 200 -14.11 -13.70 -0.29
C GLY A 200 -13.76 -12.48 0.52
N VAL A 201 -13.86 -11.30 -0.08
CA VAL A 201 -13.47 -10.04 0.57
C VAL A 201 -14.58 -9.43 1.43
N HIS A 202 -15.82 -9.81 1.13
CA HIS A 202 -16.95 -9.38 1.92
C HIS A 202 -17.59 -10.62 2.52
N ALA A 203 -18.34 -10.44 3.60
CA ALA A 203 -19.19 -11.52 4.12
C ALA A 203 -20.01 -12.17 2.99
N PRO A 204 -20.22 -13.52 3.05
CA PRO A 204 -19.79 -14.49 4.05
C PRO A 204 -18.32 -14.96 3.91
N GLY A 205 -17.57 -14.38 2.99
CA GLY A 205 -16.14 -14.65 2.88
C GLY A 205 -15.76 -15.91 2.15
N MET A 206 -16.51 -16.28 1.11
CA MET A 206 -16.27 -17.53 0.40
CA MET A 206 -16.29 -17.54 0.39
C MET A 206 -15.50 -17.32 -0.91
N ARG A 207 -14.87 -18.36 -1.42
CA ARG A 207 -14.16 -18.29 -2.71
C ARG A 207 -14.46 -19.54 -3.52
N ASP A 208 -15.66 -19.52 -4.12
CA ASP A 208 -16.14 -20.63 -4.94
C ASP A 208 -17.00 -20.04 -6.06
N ILE A 209 -16.53 -20.19 -7.32
CA ILE A 209 -17.22 -19.58 -8.48
C ILE A 209 -18.62 -20.17 -8.79
N TYR A 210 -18.84 -21.43 -8.45
CA TYR A 210 -20.11 -22.07 -8.62
C TYR A 210 -21.12 -21.58 -7.57
N VAL A 211 -20.64 -21.42 -6.33
CA VAL A 211 -21.47 -20.80 -5.31
C VAL A 211 -21.79 -19.34 -5.75
N ALA A 212 -20.77 -18.59 -6.21
CA ALA A 212 -20.98 -17.18 -6.54
C ALA A 212 -22.07 -16.98 -7.60
N PHE A 213 -22.11 -17.85 -8.62
CA PHE A 213 -23.13 -17.74 -9.66
C PHE A 213 -24.47 -18.32 -9.31
N ARG A 214 -24.49 -19.28 -8.39
CA ARG A 214 -25.79 -19.61 -7.79
C ARG A 214 -26.36 -18.46 -6.93
N ALA A 215 -25.48 -17.73 -6.24
CA ALA A 215 -25.93 -16.53 -5.54
C ALA A 215 -26.48 -15.45 -6.49
N VAL A 216 -25.77 -15.18 -7.60
CA VAL A 216 -26.32 -14.30 -8.65
C VAL A 216 -27.75 -14.66 -8.97
N HIS A 217 -27.96 -15.94 -9.28
CA HIS A 217 -29.26 -16.47 -9.74
C HIS A 217 -30.33 -16.40 -8.66
N ASN A 218 -29.96 -16.80 -7.44
CA ASN A 218 -30.89 -16.71 -6.31
C ASN A 218 -31.23 -15.28 -5.90
N LEU A 219 -30.30 -14.35 -6.07
CA LEU A 219 -30.55 -12.93 -5.81
C LEU A 219 -31.68 -12.38 -6.70
N LEU A 220 -31.62 -12.68 -8.01
CA LEU A 220 -32.70 -12.43 -8.97
C LEU A 220 -34.03 -13.09 -8.58
N ARG A 221 -33.99 -14.36 -8.21
CA ARG A 221 -35.26 -15.02 -7.85
C ARG A 221 -35.83 -14.41 -6.58
N ALA A 222 -34.98 -14.08 -5.62
CA ALA A 222 -35.44 -13.44 -4.39
C ALA A 222 -35.95 -12.03 -4.72
N HIS A 223 -35.19 -11.25 -5.49
CA HIS A 223 -35.69 -9.94 -5.93
C HIS A 223 -37.09 -10.05 -6.54
N ALA A 224 -37.23 -10.97 -7.49
CA ALA A 224 -38.53 -11.10 -8.19
C ALA A 224 -39.68 -11.57 -7.28
N ARG A 225 -39.41 -12.52 -6.38
CA ARG A 225 -40.46 -12.91 -5.40
C ARG A 225 -40.89 -11.74 -4.53
N ALA A 226 -39.95 -10.91 -4.11
CA ALA A 226 -40.25 -9.76 -3.29
C ALA A 226 -41.09 -8.71 -4.04
N VAL A 227 -40.76 -8.44 -5.31
CA VAL A 227 -41.60 -7.55 -6.15
C VAL A 227 -43.05 -8.09 -6.25
N LYS A 228 -43.16 -9.40 -6.49
CA LYS A 228 -44.46 -10.07 -6.58
CA LYS A 228 -44.45 -10.09 -6.57
C LYS A 228 -45.29 -9.87 -5.31
N VAL A 229 -44.68 -10.06 -4.14
CA VAL A 229 -45.34 -9.83 -2.86
C VAL A 229 -45.70 -8.34 -2.68
N PHE A 230 -44.83 -7.43 -3.13
CA PHE A 230 -45.08 -5.97 -3.05
C PHE A 230 -46.41 -5.58 -3.75
N ARG A 231 -46.63 -6.11 -4.95
CA ARG A 231 -47.87 -5.89 -5.72
C ARG A 231 -49.14 -6.41 -5.04
N GLU A 232 -48.96 -7.42 -4.18
CA GLU A 232 -50.06 -8.03 -3.45
CA GLU A 232 -50.04 -8.04 -3.43
C GLU A 232 -50.34 -7.27 -2.15
N THR A 233 -49.37 -6.49 -1.67
CA THR A 233 -49.48 -5.88 -0.33
CA THR A 233 -49.40 -5.88 -0.32
C THR A 233 -49.48 -4.34 -0.31
N VAL A 234 -48.75 -3.70 -1.22
CA VAL A 234 -48.65 -2.24 -1.22
C VAL A 234 -49.17 -1.72 -2.55
N LYS A 235 -50.49 -1.65 -2.65
CA LYS A 235 -51.18 -1.11 -3.82
C LYS A 235 -50.73 0.28 -4.34
N ASP A 236 -50.06 1.09 -3.50
CA ASP A 236 -49.64 2.45 -3.90
CA ASP A 236 -49.63 2.45 -3.86
C ASP A 236 -48.12 2.70 -4.09
N GLY A 237 -47.26 1.83 -3.60
CA GLY A 237 -45.82 2.09 -3.74
C GLY A 237 -45.14 1.86 -5.08
N LYS A 238 -43.85 2.21 -5.12
CA LYS A 238 -42.95 1.85 -6.20
C LYS A 238 -41.73 1.06 -5.70
N ILE A 239 -41.30 0.09 -6.49
CA ILE A 239 -40.19 -0.78 -6.12
C ILE A 239 -39.16 -0.99 -7.25
N GLY A 240 -37.89 -1.01 -6.88
CA GLY A 240 -36.82 -1.22 -7.84
C GLY A 240 -35.67 -1.99 -7.23
N ILE A 241 -34.51 -1.78 -7.79
CA ILE A 241 -33.31 -2.55 -7.46
C ILE A 241 -32.11 -1.70 -7.85
N VAL A 242 -31.01 -1.85 -7.11
CA VAL A 242 -29.81 -1.05 -7.24
C VAL A 242 -28.61 -1.85 -7.75
N PHE A 243 -27.92 -1.34 -8.77
CA PHE A 243 -26.73 -1.98 -9.28
C PHE A 243 -25.51 -1.06 -9.19
N ASN A 244 -24.36 -1.65 -8.87
CA ASN A 244 -23.07 -1.02 -9.03
C ASN A 244 -22.67 -0.95 -10.51
N ASN A 245 -22.00 0.12 -10.87
CA ASN A 245 -21.50 0.27 -12.26
C ASN A 245 -20.17 0.97 -12.31
N GLY A 246 -19.31 0.50 -13.21
CA GLY A 246 -18.06 1.18 -13.58
C GLY A 246 -18.16 1.71 -15.00
N TYR A 247 -17.37 2.72 -15.34
CA TYR A 247 -17.27 3.16 -16.73
C TYR A 247 -16.02 2.53 -17.32
N PHE A 248 -16.22 1.51 -18.11
CA PHE A 248 -15.08 0.84 -18.69
C PHE A 248 -14.69 1.42 -20.07
N GLU A 249 -13.41 1.77 -20.21
CA GLU A 249 -12.81 2.16 -21.50
C GLU A 249 -11.71 1.17 -21.93
N PRO A 250 -11.59 0.93 -23.25
CA PRO A 250 -10.62 -0.05 -23.78
C PRO A 250 -9.23 0.57 -23.87
N ALA A 251 -8.20 -0.21 -23.60
CA ALA A 251 -6.84 0.34 -23.52
C ALA A 251 -6.26 0.76 -24.89
N SER A 252 -6.98 0.40 -25.96
CA SER A 252 -6.54 0.52 -27.35
C SER A 252 -7.78 0.43 -28.24
N GLU A 253 -7.57 0.27 -29.55
CA GLU A 253 -8.66 -0.04 -30.48
C GLU A 253 -8.41 -1.35 -31.21
N ILE A 258 -11.61 -4.03 -26.00
CA ILE A 258 -12.85 -3.54 -26.61
C ILE A 258 -14.05 -4.51 -26.41
N ARG A 259 -13.83 -5.79 -26.74
CA ARG A 259 -14.70 -6.87 -26.34
C ARG A 259 -14.52 -7.16 -24.84
N ALA A 260 -13.34 -6.83 -24.32
CA ALA A 260 -13.06 -6.91 -22.90
C ALA A 260 -13.97 -5.90 -22.18
N VAL A 261 -14.16 -4.73 -22.80
CA VAL A 261 -15.05 -3.69 -22.26
C VAL A 261 -16.52 -4.15 -22.30
N ARG A 262 -16.88 -4.79 -23.40
CA ARG A 262 -18.19 -5.40 -23.57
CA ARG A 262 -18.18 -5.42 -23.58
C ARG A 262 -18.48 -6.42 -22.47
N PHE A 263 -17.50 -7.29 -22.17
CA PHE A 263 -17.64 -8.26 -21.11
C PHE A 263 -17.80 -7.59 -19.73
N MET A 264 -16.94 -6.63 -19.42
CA MET A 264 -16.95 -5.95 -18.14
C MET A 264 -18.26 -5.24 -17.89
N HIS A 265 -18.80 -4.59 -18.91
CA HIS A 265 -20.11 -3.93 -18.81
C HIS A 265 -21.19 -4.96 -18.54
N GLN A 266 -21.17 -6.09 -19.23
CA GLN A 266 -22.29 -7.04 -19.13
C GLN A 266 -22.21 -7.81 -17.83
N PHE A 267 -21.01 -7.97 -17.30
CA PHE A 267 -20.76 -8.78 -16.10
C PHE A 267 -20.82 -7.91 -14.84
N ASN A 268 -20.09 -6.80 -14.85
CA ASN A 268 -19.93 -5.92 -13.70
C ASN A 268 -21.03 -4.86 -13.56
N ASN A 269 -21.63 -4.47 -14.69
CA ASN A 269 -22.67 -3.43 -14.65
C ASN A 269 -24.06 -4.02 -14.67
N TYR A 270 -25.09 -3.15 -14.65
CA TYR A 270 -26.52 -3.55 -14.62
C TYR A 270 -27.01 -4.67 -15.58
N PRO A 271 -26.35 -4.89 -16.76
CA PRO A 271 -26.90 -5.95 -17.66
C PRO A 271 -26.96 -7.37 -17.07
N LEU A 272 -26.08 -7.69 -16.13
CA LEU A 272 -26.09 -9.03 -15.53
C LEU A 272 -27.47 -9.36 -14.96
N PHE A 273 -28.12 -8.33 -14.44
CA PHE A 273 -29.43 -8.46 -13.83
C PHE A 273 -30.58 -7.97 -14.70
N LEU A 274 -30.35 -6.91 -15.46
CA LEU A 274 -31.40 -6.30 -16.33
C LEU A 274 -31.74 -7.07 -17.58
N ASN A 275 -30.78 -7.79 -18.11
CA ASN A 275 -31.03 -8.71 -19.19
C ASN A 275 -31.96 -9.86 -18.77
N PRO A 276 -31.69 -10.56 -17.62
CA PRO A 276 -32.77 -11.40 -17.05
C PRO A 276 -34.13 -10.71 -16.85
N ILE A 277 -34.13 -9.57 -16.16
CA ILE A 277 -35.37 -8.86 -15.82
C ILE A 277 -36.17 -8.44 -17.07
N TYR A 278 -35.49 -7.88 -18.05
CA TYR A 278 -36.15 -7.28 -19.23
C TYR A 278 -36.27 -8.23 -20.42
N ARG A 279 -35.27 -9.11 -20.58
CA ARG A 279 -35.14 -9.95 -21.76
C ARG A 279 -35.20 -11.46 -21.45
N GLY A 280 -35.15 -11.83 -20.17
CA GLY A 280 -35.34 -13.23 -19.78
C GLY A 280 -34.13 -14.13 -19.97
N ASP A 281 -32.93 -13.58 -19.99
CA ASP A 281 -31.71 -14.42 -20.00
C ASP A 281 -30.57 -13.55 -19.60
N TYR A 282 -29.44 -14.18 -19.25
CA TYR A 282 -28.20 -13.49 -18.91
C TYR A 282 -27.59 -12.91 -20.16
N PRO A 283 -26.82 -11.81 -20.05
CA PRO A 283 -26.11 -11.29 -21.21
C PRO A 283 -25.16 -12.31 -21.85
N GLU A 284 -24.89 -12.11 -23.14
CA GLU A 284 -24.21 -13.07 -24.01
C GLU A 284 -22.79 -13.39 -23.53
N LEU A 285 -21.99 -12.36 -23.24
CA LEU A 285 -20.62 -12.62 -22.82
C LEU A 285 -20.51 -13.20 -21.38
N VAL A 286 -21.56 -12.95 -20.56
CA VAL A 286 -21.68 -13.59 -19.23
C VAL A 286 -21.89 -15.09 -19.41
N LEU A 287 -22.77 -15.49 -20.31
CA LEU A 287 -22.94 -16.90 -20.61
C LEU A 287 -21.67 -17.54 -21.18
N GLU A 288 -20.94 -16.83 -22.05
CA GLU A 288 -19.65 -17.36 -22.53
C GLU A 288 -18.68 -17.70 -21.39
N PHE A 289 -18.53 -16.78 -20.47
CA PHE A 289 -17.65 -17.01 -19.32
C PHE A 289 -18.24 -17.97 -18.26
N ALA A 290 -19.56 -17.97 -18.07
CA ALA A 290 -20.10 -18.50 -16.81
C ALA A 290 -21.19 -19.55 -16.87
N ARG A 291 -21.51 -20.06 -18.06
CA ARG A 291 -22.65 -20.99 -18.20
C ARG A 291 -22.48 -22.25 -17.36
N GLU A 292 -21.27 -22.80 -17.31
N GLU A 292 -21.26 -22.77 -17.31
CA GLU A 292 -20.99 -24.00 -16.51
CA GLU A 292 -20.95 -23.98 -16.53
C GLU A 292 -21.26 -23.78 -15.02
C GLU A 292 -21.14 -23.78 -15.02
N TYR A 293 -21.15 -22.52 -14.58
CA TYR A 293 -21.31 -22.16 -13.12
C TYR A 293 -22.75 -21.94 -12.68
N LEU A 294 -23.63 -21.59 -13.61
CA LEU A 294 -25.06 -21.42 -13.31
C LEU A 294 -25.75 -22.76 -13.16
N PRO A 295 -26.87 -22.81 -12.42
CA PRO A 295 -27.56 -24.09 -12.40
C PRO A 295 -27.96 -24.57 -13.80
N GLU A 296 -28.10 -25.90 -13.96
CA GLU A 296 -28.29 -26.48 -15.29
C GLU A 296 -29.57 -26.01 -15.99
N ASN A 297 -30.64 -25.90 -15.20
CA ASN A 297 -31.96 -25.52 -15.69
C ASN A 297 -32.35 -24.08 -15.24
N TYR A 298 -31.35 -23.21 -15.20
CA TYR A 298 -31.55 -21.83 -14.76
C TYR A 298 -32.65 -21.07 -15.56
N LYS A 299 -32.80 -21.36 -16.86
CA LYS A 299 -33.84 -20.76 -17.70
C LYS A 299 -35.25 -21.03 -17.21
N ASP A 300 -35.45 -22.13 -16.48
CA ASP A 300 -36.80 -22.39 -15.93
C ASP A 300 -37.26 -21.27 -14.99
N ASP A 301 -36.31 -20.54 -14.40
CA ASP A 301 -36.67 -19.49 -13.43
C ASP A 301 -36.87 -18.12 -14.08
N MET A 302 -36.54 -18.01 -15.38
CA MET A 302 -36.49 -16.69 -16.01
C MET A 302 -37.84 -15.98 -16.15
N SER A 303 -38.93 -16.72 -16.35
CA SER A 303 -40.21 -16.00 -16.54
C SER A 303 -40.61 -15.33 -15.24
N GLU A 304 -40.26 -15.94 -14.13
CA GLU A 304 -40.61 -15.34 -12.84
C GLU A 304 -39.76 -14.14 -12.56
N ILE A 305 -38.49 -14.23 -12.96
CA ILE A 305 -37.50 -13.16 -12.81
C ILE A 305 -37.89 -11.86 -13.53
N GLN A 306 -38.70 -12.01 -14.58
CA GLN A 306 -39.16 -10.90 -15.40
C GLN A 306 -40.27 -10.04 -14.77
N GLU A 307 -40.60 -10.33 -13.52
CA GLU A 307 -41.53 -9.54 -12.73
C GLU A 307 -41.27 -8.03 -12.95
N LYS A 308 -42.32 -7.27 -13.27
CA LYS A 308 -42.11 -5.87 -13.62
CA LYS A 308 -42.19 -5.85 -13.61
C LYS A 308 -41.66 -5.01 -12.43
N ILE A 309 -40.63 -4.22 -12.68
CA ILE A 309 -40.11 -3.22 -11.73
C ILE A 309 -40.48 -1.80 -12.15
N ASP A 310 -40.49 -0.91 -11.16
CA ASP A 310 -40.87 0.50 -11.34
C ASP A 310 -39.68 1.43 -11.60
N PHE A 311 -38.49 1.06 -11.13
CA PHE A 311 -37.32 1.90 -11.37
C PHE A 311 -36.00 1.15 -11.25
N VAL A 312 -34.96 1.71 -11.86
CA VAL A 312 -33.63 1.17 -11.76
C VAL A 312 -32.76 2.15 -10.95
N GLY A 313 -32.08 1.67 -9.92
CA GLY A 313 -31.10 2.51 -9.23
C GLY A 313 -29.70 2.20 -9.74
N LEU A 314 -28.92 3.22 -10.03
CA LEU A 314 -27.54 3.02 -10.49
C LEU A 314 -26.59 3.70 -9.52
N ASN A 315 -25.67 2.92 -8.98
CA ASN A 315 -24.60 3.47 -8.19
C ASN A 315 -23.42 3.66 -9.12
N TYR A 316 -22.72 4.79 -8.99
CA TYR A 316 -21.55 5.04 -9.85
C TYR A 316 -20.49 5.82 -9.09
N TYR A 317 -19.22 5.40 -9.23
CA TYR A 317 -18.12 6.02 -8.48
C TYR A 317 -16.91 6.31 -9.35
N SER A 318 -16.65 5.41 -10.31
CA SER A 318 -15.35 5.26 -10.93
C SER A 318 -15.29 4.73 -12.37
N GLY A 319 -14.23 5.11 -13.08
CA GLY A 319 -13.91 4.52 -14.40
C GLY A 319 -12.69 3.60 -14.39
N HIS A 320 -12.59 2.73 -15.38
CA HIS A 320 -11.50 1.78 -15.48
C HIS A 320 -11.04 1.59 -16.92
N LEU A 321 -9.72 1.66 -17.11
CA LEU A 321 -9.12 1.24 -18.36
C LEU A 321 -8.94 -0.27 -18.28
N VAL A 322 -9.35 -0.94 -19.34
CA VAL A 322 -9.46 -2.38 -19.36
C VAL A 322 -8.83 -2.92 -20.63
N LYS A 323 -8.10 -4.03 -20.52
CA LYS A 323 -7.53 -4.69 -21.68
C LYS A 323 -7.79 -6.19 -21.62
N PHE A 324 -7.89 -6.83 -22.77
CA PHE A 324 -7.79 -8.29 -22.84
C PHE A 324 -6.45 -8.70 -22.26
N ASP A 325 -6.47 -9.81 -21.54
CA ASP A 325 -5.29 -10.34 -20.88
C ASP A 325 -5.49 -11.84 -20.75
N PRO A 326 -4.66 -12.64 -21.48
CA PRO A 326 -4.78 -14.11 -21.59
C PRO A 326 -4.68 -14.85 -20.26
N ASP A 327 -3.89 -14.30 -19.35
CA ASP A 327 -3.68 -14.91 -18.05
C ASP A 327 -4.78 -14.45 -17.09
N ALA A 330 -10.60 -14.47 -15.79
CA ALA A 330 -11.72 -14.06 -16.65
C ALA A 330 -11.30 -13.35 -17.97
N LYS A 331 -9.98 -13.32 -18.20
CA LYS A 331 -9.36 -12.79 -19.45
C LYS A 331 -9.38 -11.27 -19.57
N VAL A 332 -9.38 -10.59 -18.42
CA VAL A 332 -9.42 -9.13 -18.37
C VAL A 332 -8.52 -8.62 -17.24
N SER A 333 -7.83 -7.53 -17.48
CA SER A 333 -7.05 -6.85 -16.45
CA SER A 333 -7.08 -6.85 -16.43
C SER A 333 -7.29 -5.35 -16.51
N PHE A 334 -7.09 -4.67 -15.39
CA PHE A 334 -7.20 -3.23 -15.37
C PHE A 334 -5.84 -2.60 -15.67
N VAL A 335 -5.85 -1.42 -16.28
CA VAL A 335 -4.62 -0.70 -16.56
C VAL A 335 -4.67 0.61 -15.78
N GLU A 336 -3.64 0.85 -14.97
CA GLU A 336 -3.54 2.10 -14.24
C GLU A 336 -3.36 3.32 -15.15
N ARG A 337 -4.04 4.40 -14.82
CA ARG A 337 -3.96 5.66 -15.58
C ARG A 337 -3.55 6.79 -14.65
N ASP A 338 -2.74 7.71 -15.16
CA ASP A 338 -2.43 8.93 -14.43
CA ASP A 338 -2.43 8.93 -14.43
C ASP A 338 -3.66 9.84 -14.50
N LEU A 339 -4.61 9.59 -13.60
CA LEU A 339 -5.82 10.38 -13.47
C LEU A 339 -6.02 10.71 -12.00
N PRO A 340 -6.64 11.85 -11.68
CA PRO A 340 -6.91 12.01 -10.26
C PRO A 340 -7.67 10.80 -9.69
N LYS A 341 -7.26 10.34 -8.51
CA LYS A 341 -7.88 9.21 -7.80
C LYS A 341 -8.35 9.68 -6.43
N THR A 342 -9.31 8.95 -5.85
CA THR A 342 -9.74 9.22 -4.48
C THR A 342 -8.84 8.45 -3.51
N ALA A 343 -9.12 8.56 -2.21
CA ALA A 343 -8.43 7.76 -1.20
C ALA A 343 -8.62 6.22 -1.36
N MET A 344 -9.65 5.80 -2.10
CA MET A 344 -9.83 4.38 -2.46
C MET A 344 -8.88 3.96 -3.57
N GLY A 345 -8.24 4.93 -4.21
CA GLY A 345 -7.44 4.72 -5.41
C GLY A 345 -8.31 4.58 -6.63
N TRP A 346 -9.56 5.08 -6.54
CA TRP A 346 -10.52 4.98 -7.62
C TRP A 346 -10.36 6.19 -8.54
N GLU A 347 -10.17 5.95 -9.84
CA GLU A 347 -10.07 7.02 -10.84
C GLU A 347 -11.35 7.82 -10.99
N ILE A 348 -11.21 9.14 -10.91
CA ILE A 348 -12.32 10.08 -10.97
C ILE A 348 -12.68 10.36 -12.43
N VAL A 349 -13.79 9.78 -12.90
CA VAL A 349 -14.16 9.92 -14.33
C VAL A 349 -15.62 10.34 -14.48
N PRO A 350 -15.89 11.65 -14.37
CA PRO A 350 -17.27 12.12 -14.26
C PRO A 350 -18.16 11.76 -15.44
N GLU A 351 -17.59 11.67 -16.65
CA GLU A 351 -18.40 11.35 -17.84
C GLU A 351 -18.99 9.94 -17.80
N GLY A 352 -18.48 9.13 -16.87
CA GLY A 352 -19.00 7.79 -16.64
C GLY A 352 -20.44 7.80 -16.19
N ILE A 353 -20.81 8.73 -15.34
CA ILE A 353 -22.18 8.76 -14.80
C ILE A 353 -23.19 9.14 -15.90
N TYR A 354 -22.79 10.04 -16.81
CA TYR A 354 -23.55 10.33 -18.04
C TYR A 354 -23.65 9.10 -18.96
N TRP A 355 -22.50 8.46 -19.22
CA TRP A 355 -22.44 7.29 -20.04
C TRP A 355 -23.39 6.16 -19.56
N ILE A 356 -23.33 5.84 -18.27
CA ILE A 356 -24.15 4.74 -17.72
C ILE A 356 -25.63 5.07 -17.75
N LEU A 357 -25.97 6.35 -17.57
CA LEU A 357 -27.36 6.79 -17.65
C LEU A 357 -27.90 6.72 -19.06
N LYS A 358 -27.07 7.12 -20.01
CA LYS A 358 -27.41 7.01 -21.44
C LYS A 358 -27.57 5.55 -21.85
N LYS A 359 -26.61 4.75 -21.44
CA LYS A 359 -26.52 3.35 -21.81
C LYS A 359 -27.72 2.56 -21.24
N VAL A 360 -28.13 2.84 -20.01
CA VAL A 360 -29.26 2.12 -19.43
C VAL A 360 -30.57 2.41 -20.21
N LYS A 361 -30.77 3.67 -20.61
CA LYS A 361 -31.95 4.03 -21.40
C LYS A 361 -31.86 3.34 -22.76
N GLU A 362 -30.71 3.47 -23.41
CA GLU A 362 -30.50 2.83 -24.71
CA GLU A 362 -30.53 2.83 -24.71
C GLU A 362 -30.81 1.32 -24.65
N GLU A 363 -30.29 0.64 -23.63
CA GLU A 363 -30.38 -0.82 -23.60
C GLU A 363 -31.68 -1.40 -23.07
N TYR A 364 -32.23 -0.82 -22.01
CA TYR A 364 -33.41 -1.43 -21.37
C TYR A 364 -34.57 -0.44 -21.21
N ASN A 365 -34.30 0.84 -21.36
CA ASN A 365 -35.32 1.89 -21.25
C ASN A 365 -36.23 1.78 -20.01
N PRO A 366 -35.64 1.72 -18.79
CA PRO A 366 -36.56 1.58 -17.68
C PRO A 366 -37.38 2.86 -17.55
N PRO A 367 -38.58 2.78 -16.98
CA PRO A 367 -39.42 3.98 -16.93
C PRO A 367 -38.87 5.10 -16.03
N GLU A 368 -38.20 4.75 -14.93
CA GLU A 368 -37.54 5.72 -14.06
C GLU A 368 -36.12 5.23 -13.69
N VAL A 369 -35.18 6.17 -13.58
CA VAL A 369 -33.84 5.87 -13.10
C VAL A 369 -33.54 6.80 -11.91
N TYR A 370 -32.80 6.30 -10.92
CA TYR A 370 -32.24 7.14 -9.86
C TYR A 370 -30.76 6.85 -9.79
N ILE A 371 -29.94 7.88 -9.56
CA ILE A 371 -28.58 7.64 -9.05
C ILE A 371 -28.74 7.45 -7.55
N THR A 372 -28.60 6.19 -7.12
CA THR A 372 -28.85 5.84 -5.72
C THR A 372 -27.59 5.95 -4.81
N GLU A 373 -26.43 6.14 -5.44
CA GLU A 373 -25.16 6.43 -4.76
C GLU A 373 -24.17 7.04 -5.74
N ASN A 374 -23.49 8.10 -5.27
CA ASN A 374 -22.37 8.74 -5.97
C ASN A 374 -21.66 9.48 -4.86
N GLY A 375 -20.34 9.36 -4.80
CA GLY A 375 -19.60 10.05 -3.78
C GLY A 375 -18.15 9.64 -3.81
N ALA A 376 -17.38 10.15 -2.88
CA ALA A 376 -15.93 9.94 -2.90
C ALA A 376 -15.33 9.87 -1.51
N ALA A 377 -14.27 9.07 -1.39
CA ALA A 377 -13.52 9.01 -0.14
C ALA A 377 -12.29 9.89 -0.27
N PHE A 378 -12.15 10.88 0.62
CA PHE A 378 -10.91 11.65 0.71
C PHE A 378 -10.40 11.65 2.13
N ASP A 379 -9.15 12.04 2.29
CA ASP A 379 -8.50 11.98 3.58
C ASP A 379 -8.82 13.25 4.33
N ASP A 380 -10.04 13.30 4.87
CA ASP A 380 -10.56 14.49 5.54
C ASP A 380 -9.92 14.76 6.88
N VAL A 381 -9.73 16.05 7.10
CA VAL A 381 -9.09 16.57 8.31
CA VAL A 381 -9.10 16.57 8.32
C VAL A 381 -9.86 17.79 8.79
N VAL A 382 -10.12 17.84 10.10
CA VAL A 382 -10.73 19.00 10.75
C VAL A 382 -9.66 20.07 11.00
N SER A 383 -9.77 21.17 10.26
CA SER A 383 -8.86 22.32 10.35
C SER A 383 -8.93 23.01 11.70
N GLU A 384 -7.96 23.92 11.94
CA GLU A 384 -7.94 24.64 13.20
CA GLU A 384 -7.91 24.71 13.16
C GLU A 384 -9.18 25.52 13.34
N ASP A 385 -9.75 25.94 12.21
CA ASP A 385 -11.00 26.71 12.20
C ASP A 385 -12.30 25.93 12.58
N GLY A 386 -12.14 24.63 12.85
CA GLY A 386 -13.26 23.75 13.20
C GLY A 386 -14.05 23.19 12.01
N ARG A 387 -13.52 23.38 10.81
CA ARG A 387 -14.21 23.05 9.58
C ARG A 387 -13.46 21.98 8.77
N VAL A 388 -14.18 21.29 7.89
CA VAL A 388 -13.56 20.29 7.03
C VAL A 388 -13.63 20.80 5.60
N HIS A 389 -12.49 21.25 5.08
CA HIS A 389 -12.44 21.93 3.80
C HIS A 389 -12.22 20.94 2.66
N ASP A 390 -13.23 20.11 2.43
CA ASP A 390 -13.12 19.05 1.41
C ASP A 390 -13.46 19.51 0.01
N GLN A 391 -12.61 20.38 -0.52
CA GLN A 391 -12.82 20.94 -1.85
C GLN A 391 -12.74 19.83 -2.89
N ASN A 392 -11.87 18.85 -2.63
CA ASN A 392 -11.77 17.69 -3.52
C ASN A 392 -13.12 16.94 -3.71
N ARG A 393 -13.91 16.84 -2.64
CA ARG A 393 -15.21 16.16 -2.68
C ARG A 393 -16.25 17.06 -3.36
N ILE A 394 -16.23 18.36 -3.06
CA ILE A 394 -17.09 19.34 -3.74
C ILE A 394 -16.87 19.22 -5.23
N ASP A 395 -15.59 19.23 -5.64
CA ASP A 395 -15.23 19.14 -7.07
C ASP A 395 -15.78 17.88 -7.72
N TYR A 396 -15.62 16.77 -7.00
CA TYR A 396 -16.07 15.45 -7.46
C TYR A 396 -17.60 15.47 -7.59
N LEU A 397 -18.32 15.94 -6.57
CA LEU A 397 -19.78 15.93 -6.65
C LEU A 397 -20.29 16.81 -7.79
N LYS A 398 -19.82 18.06 -7.81
CA LYS A 398 -20.20 19.04 -8.85
C LYS A 398 -20.07 18.48 -10.24
N ALA A 399 -18.90 17.90 -10.53
CA ALA A 399 -18.64 17.29 -11.84
C ALA A 399 -19.69 16.24 -12.24
N HIS A 400 -20.00 15.34 -11.30
CA HIS A 400 -20.94 14.23 -11.57
C HIS A 400 -22.38 14.75 -11.65
N ILE A 401 -22.77 15.65 -10.75
CA ILE A 401 -24.09 16.27 -10.82
C ILE A 401 -24.28 16.94 -12.20
N GLY A 402 -23.25 17.64 -12.68
CA GLY A 402 -23.26 18.25 -14.02
C GLY A 402 -23.53 17.28 -15.16
N GLN A 403 -22.96 16.07 -15.05
CA GLN A 403 -23.08 15.05 -16.08
C GLN A 403 -24.43 14.36 -16.01
N ALA A 404 -24.98 14.23 -14.81
CA ALA A 404 -26.33 13.69 -14.67
C ALA A 404 -27.35 14.68 -15.24
N TRP A 405 -27.07 15.96 -15.05
CA TRP A 405 -27.85 17.03 -15.65
C TRP A 405 -27.91 16.85 -17.16
N LYS A 406 -26.75 16.59 -17.77
CA LYS A 406 -26.63 16.39 -19.22
C LYS A 406 -27.53 15.27 -19.71
N ALA A 407 -27.48 14.14 -19.01
CA ALA A 407 -28.28 12.96 -19.30
C ALA A 407 -29.76 13.30 -19.27
N ILE A 408 -30.18 14.11 -18.31
CA ILE A 408 -31.57 14.56 -18.26
C ILE A 408 -31.93 15.44 -19.47
N GLN A 409 -31.00 16.26 -19.93
CA GLN A 409 -31.28 17.14 -21.08
C GLN A 409 -31.49 16.31 -22.35
N GLU A 410 -30.81 15.17 -22.43
CA GLU A 410 -30.92 14.26 -23.57
C GLU A 410 -31.90 13.10 -23.33
N GLY A 411 -32.84 13.27 -22.40
CA GLY A 411 -33.99 12.35 -22.31
C GLY A 411 -33.98 11.20 -21.31
N VAL A 412 -32.91 11.04 -20.53
CA VAL A 412 -32.88 9.96 -19.53
C VAL A 412 -33.84 10.37 -18.42
N PRO A 413 -34.80 9.49 -18.08
CA PRO A 413 -35.76 9.75 -17.01
C PRO A 413 -35.20 9.60 -15.57
N LEU A 414 -34.11 10.33 -15.28
CA LEU A 414 -33.56 10.39 -13.92
C LEU A 414 -34.45 11.20 -12.99
N LYS A 415 -34.93 10.57 -11.92
CA LYS A 415 -35.86 11.26 -11.01
C LYS A 415 -35.23 11.73 -9.72
N GLY A 416 -34.01 11.28 -9.46
CA GLY A 416 -33.35 11.60 -8.20
C GLY A 416 -31.89 11.29 -8.22
N TYR A 417 -31.17 11.82 -7.22
CA TYR A 417 -29.73 11.65 -7.09
C TYR A 417 -29.38 11.60 -5.60
N PHE A 418 -28.64 10.57 -5.19
CA PHE A 418 -28.31 10.30 -3.76
C PHE A 418 -26.79 10.32 -3.53
N VAL A 419 -26.36 11.18 -2.63
CA VAL A 419 -24.96 11.23 -2.27
C VAL A 419 -24.62 10.06 -1.32
N TRP A 420 -23.63 9.27 -1.66
CA TRP A 420 -23.04 8.38 -0.65
C TRP A 420 -21.85 9.13 -0.05
N SER A 421 -21.90 9.54 1.22
CA SER A 421 -22.92 9.17 2.22
C SER A 421 -23.26 10.39 3.07
N LEU A 422 -24.39 10.35 3.77
CA LEU A 422 -24.61 11.39 4.77
C LEU A 422 -23.39 11.49 5.73
N LEU A 423 -22.96 10.35 6.27
CA LEU A 423 -21.98 10.26 7.36
C LEU A 423 -20.73 9.47 6.95
N ASP A 424 -19.56 9.87 7.45
CA ASP A 424 -18.41 8.93 7.48
C ASP A 424 -18.90 7.69 8.24
N ASN A 425 -18.52 6.50 7.80
CA ASN A 425 -19.10 5.29 8.40
C ASN A 425 -18.16 4.10 8.23
N PHE A 426 -18.60 2.92 8.67
CA PHE A 426 -17.81 1.66 8.52
C PHE A 426 -17.78 1.24 7.05
N GLU A 427 -16.62 1.39 6.44
CA GLU A 427 -16.49 1.10 5.03
C GLU A 427 -16.10 -0.36 4.76
N TRP A 428 -16.94 -1.27 5.23
CA TRP A 428 -16.81 -2.70 4.93
C TRP A 428 -15.38 -3.16 5.27
N ALA A 429 -14.68 -3.80 4.34
CA ALA A 429 -13.37 -4.41 4.69
C ALA A 429 -12.24 -3.37 4.91
N GLU A 430 -12.52 -2.11 4.56
CA GLU A 430 -11.63 -0.98 4.89
C GLU A 430 -11.85 -0.42 6.28
N GLY A 431 -12.91 -0.86 6.96
CA GLY A 431 -13.23 -0.35 8.30
C GLY A 431 -13.41 1.17 8.29
N TYR A 432 -13.04 1.84 9.38
CA TYR A 432 -13.24 3.29 9.52
C TYR A 432 -12.23 4.17 8.76
N SER A 433 -11.29 3.54 8.06
CA SER A 433 -10.20 4.28 7.43
C SER A 433 -10.62 5.05 6.18
N LYS A 434 -11.82 4.80 5.66
CA LYS A 434 -12.28 5.56 4.49
C LYS A 434 -13.52 6.38 4.81
N ARG A 435 -13.41 7.67 4.56
CA ARG A 435 -14.47 8.61 4.88
C ARG A 435 -15.18 9.08 3.63
N PHE A 436 -16.45 8.70 3.51
CA PHE A 436 -17.25 9.08 2.35
C PHE A 436 -18.30 10.16 2.67
N GLY A 437 -18.40 10.60 3.91
CA GLY A 437 -19.49 11.46 4.31
C GLY A 437 -19.40 12.90 3.78
N ILE A 438 -20.54 13.58 3.80
CA ILE A 438 -20.59 15.04 3.65
C ILE A 438 -20.70 15.64 5.06
N VAL A 439 -20.85 14.73 6.02
CA VAL A 439 -20.75 15.04 7.43
C VAL A 439 -19.63 14.16 8.01
N TYR A 440 -18.64 14.84 8.62
CA TYR A 440 -17.54 14.22 9.33
C TYR A 440 -18.00 13.66 10.65
N VAL A 441 -17.54 12.45 10.99
CA VAL A 441 -17.84 11.89 12.29
C VAL A 441 -16.54 11.69 13.05
N ASP A 442 -16.45 12.32 14.22
CA ASP A 442 -15.32 12.09 15.12
C ASP A 442 -15.72 10.91 15.99
N TYR A 443 -15.09 9.75 15.75
CA TYR A 443 -15.49 8.50 16.40
C TYR A 443 -15.16 8.44 17.89
N SER A 444 -14.17 9.21 18.34
CA SER A 444 -13.85 9.28 19.77
C SER A 444 -14.96 9.91 20.61
N THR A 445 -15.70 10.84 20.00
CA THR A 445 -16.78 11.53 20.71
C THR A 445 -18.16 11.39 20.03
N GLN A 446 -18.19 10.87 18.79
CA GLN A 446 -19.42 10.77 17.98
C GLN A 446 -19.95 12.14 17.51
N LYS A 447 -19.10 13.15 17.57
CA LYS A 447 -19.45 14.49 17.10
C LYS A 447 -19.56 14.48 15.58
N ARG A 448 -20.60 15.15 15.08
CA ARG A 448 -20.82 15.33 13.64
C ARG A 448 -20.39 16.77 13.28
N ILE A 449 -19.55 16.89 12.27
CA ILE A 449 -19.15 18.18 11.74
C ILE A 449 -19.48 18.20 10.24
N VAL A 450 -20.45 19.05 9.86
CA VAL A 450 -20.81 19.22 8.44
C VAL A 450 -19.60 19.73 7.66
N LYS A 451 -19.24 19.00 6.61
CA LYS A 451 -18.10 19.35 5.80
C LYS A 451 -18.56 20.39 4.78
N ASP A 452 -17.60 21.13 4.25
CA ASP A 452 -17.89 22.12 3.21
C ASP A 452 -18.74 21.51 2.11
N SER A 453 -18.46 20.25 1.75
CA SER A 453 -19.21 19.53 0.71
C SER A 453 -20.70 19.40 1.07
N GLY A 454 -20.98 19.14 2.35
CA GLY A 454 -22.37 19.10 2.85
C GLY A 454 -23.08 20.46 2.75
N TYR A 455 -22.36 21.55 3.03
CA TYR A 455 -22.96 22.87 2.94
C TYR A 455 -23.17 23.23 1.50
N TRP A 456 -22.17 22.91 0.68
CA TRP A 456 -22.25 23.05 -0.78
C TRP A 456 -23.45 22.32 -1.35
N TYR A 457 -23.62 21.04 -0.97
CA TYR A 457 -24.71 20.20 -1.51
C TYR A 457 -26.07 20.77 -1.15
N SER A 458 -26.18 21.23 0.07
CA SER A 458 -27.38 21.86 0.58
C SER A 458 -27.80 23.07 -0.25
N ASN A 459 -26.80 23.82 -0.73
CA ASN A 459 -27.06 24.96 -1.59
C ASN A 459 -27.59 24.45 -2.92
N VAL A 460 -26.94 23.43 -3.46
CA VAL A 460 -27.45 22.75 -4.66
C VAL A 460 -28.92 22.30 -4.52
N VAL A 461 -29.28 21.66 -3.42
CA VAL A 461 -30.65 21.19 -3.24
C VAL A 461 -31.63 22.36 -3.16
N LYS A 462 -31.29 23.37 -2.36
CA LYS A 462 -32.10 24.61 -2.25
C LYS A 462 -32.36 25.24 -3.62
N ASN A 463 -31.31 25.38 -4.43
CA ASN A 463 -31.40 25.94 -5.78
C ASN A 463 -31.91 24.95 -6.84
N ASN A 464 -32.09 23.68 -6.47
CA ASN A 464 -32.46 22.60 -7.42
C ASN A 464 -31.51 22.48 -8.61
N GLY A 465 -30.21 22.60 -8.37
CA GLY A 465 -29.19 22.40 -9.39
C GLY A 465 -27.93 23.23 -9.19
N LEU A 466 -27.07 23.24 -10.19
CA LEU A 466 -25.78 23.94 -10.12
C LEU A 466 -25.88 25.39 -10.64
N GLU A 467 -24.84 26.19 -10.40
CA GLU A 467 -24.74 27.54 -10.98
C GLU A 467 -23.30 27.94 -11.29
N ASN B 24 -6.01 0.16 -4.21
CA ASN B 24 -4.63 0.75 -4.20
C ASN B 24 -3.63 0.25 -3.10
N VAL B 25 -3.96 -0.86 -2.44
CA VAL B 25 -2.98 -1.52 -1.57
C VAL B 25 -1.87 -2.21 -2.41
N LYS B 26 -0.63 -1.98 -2.02
CA LYS B 26 0.51 -2.58 -2.69
C LYS B 26 1.07 -3.63 -1.74
N LYS B 27 0.68 -4.89 -1.96
CA LYS B 27 1.04 -5.97 -1.05
C LYS B 27 2.23 -6.73 -1.63
N PHE B 28 3.15 -7.12 -0.75
CA PHE B 28 4.38 -7.75 -1.19
C PHE B 28 4.26 -9.27 -1.22
N PRO B 29 5.17 -9.97 -1.94
CA PRO B 29 5.23 -11.42 -1.91
C PRO B 29 5.20 -11.93 -0.48
N GLU B 30 4.77 -13.17 -0.31
CA GLU B 30 4.73 -13.78 1.01
C GLU B 30 6.16 -14.14 1.41
N GLY B 31 6.50 -13.83 2.66
CA GLY B 31 7.85 -14.08 3.17
C GLY B 31 8.81 -12.89 3.01
N PHE B 32 8.37 -11.86 2.30
CA PHE B 32 9.16 -10.65 2.09
C PHE B 32 9.71 -10.05 3.40
N LEU B 33 11.01 -9.72 3.39
CA LEU B 33 11.73 -9.36 4.60
C LEU B 33 11.79 -7.86 4.79
N TRP B 34 11.22 -7.38 5.89
CA TRP B 34 11.24 -5.95 6.20
C TRP B 34 12.27 -5.74 7.28
N GLY B 35 13.18 -4.80 7.03
CA GLY B 35 14.32 -4.64 7.94
C GLY B 35 14.65 -3.21 8.29
N VAL B 36 15.54 -3.05 9.26
CA VAL B 36 16.25 -1.78 9.46
C VAL B 36 17.78 -2.03 9.43
N ALA B 37 18.57 -1.03 9.08
CA ALA B 37 20.03 -1.21 8.98
C ALA B 37 20.80 -0.20 9.82
N THR B 38 21.93 -0.63 10.38
CA THR B 38 22.89 0.28 11.01
C THR B 38 24.32 -0.11 10.58
N ALA B 39 25.32 0.63 11.10
CA ALA B 39 26.74 0.26 10.97
C ALA B 39 27.45 0.47 12.32
N SER B 40 28.39 -0.41 12.64
CA SER B 40 29.13 -0.41 13.90
C SER B 40 29.69 0.93 14.33
N TYR B 41 30.52 1.58 13.48
CA TYR B 41 31.13 2.83 13.89
C TYR B 41 30.11 3.97 14.04
N GLN B 42 29.01 3.88 13.30
CA GLN B 42 28.03 4.96 13.29
C GLN B 42 27.17 5.02 14.56
N ILE B 43 27.02 3.87 15.23
CA ILE B 43 26.11 3.76 16.37
CA ILE B 43 26.10 3.72 16.36
C ILE B 43 26.76 3.38 17.69
N GLU B 44 27.84 2.63 17.64
CA GLU B 44 28.33 1.98 18.86
C GLU B 44 28.97 2.83 19.95
N GLY B 45 29.83 3.78 19.55
CA GLY B 45 30.70 4.46 20.51
C GLY B 45 31.60 3.47 21.21
N SER B 46 32.34 3.92 22.21
CA SER B 46 33.30 3.06 22.91
C SER B 46 34.26 2.29 21.96
N PRO B 47 34.92 2.99 21.00
CA PRO B 47 35.74 2.25 19.98
C PRO B 47 36.91 1.44 20.55
N LEU B 48 37.51 1.96 21.62
CA LEU B 48 38.68 1.35 22.22
C LEU B 48 38.35 0.49 23.44
N ALA B 49 37.06 0.35 23.75
CA ALA B 49 36.65 -0.45 24.90
C ALA B 49 36.99 -1.91 24.79
N ASP B 50 37.39 -2.51 25.90
CA ASP B 50 37.45 -3.99 26.01
C ASP B 50 38.41 -4.66 25.02
N GLY B 51 39.57 -4.03 24.89
CA GLY B 51 40.68 -4.62 24.17
C GLY B 51 40.64 -4.39 22.67
N ALA B 52 39.69 -3.58 22.21
CA ALA B 52 39.51 -3.28 20.79
C ALA B 52 40.64 -2.38 20.21
N GLY B 53 41.10 -2.72 19.01
CA GLY B 53 42.08 -1.92 18.30
C GLY B 53 41.41 -0.72 17.65
N MET B 54 42.21 0.28 17.33
CA MET B 54 41.71 1.47 16.66
C MET B 54 41.29 1.09 15.25
N SER B 55 40.30 1.78 14.73
CA SER B 55 39.92 1.68 13.32
C SER B 55 40.43 2.90 12.60
N ILE B 56 40.40 2.85 11.27
CA ILE B 56 40.77 4.01 10.45
C ILE B 56 39.77 5.14 10.59
N TRP B 57 38.55 4.85 11.05
CA TRP B 57 37.59 5.92 11.27
C TRP B 57 37.81 6.67 12.60
N HIS B 58 38.33 5.98 13.60
CA HIS B 58 38.79 6.65 14.82
C HIS B 58 39.90 7.66 14.51
N THR B 59 40.95 7.23 13.84
CA THR B 59 42.10 8.10 13.56
C THR B 59 41.75 9.21 12.58
N PHE B 60 40.95 8.89 11.56
CA PHE B 60 40.47 9.88 10.57
C PHE B 60 39.59 10.96 11.21
N SER B 61 38.63 10.56 12.04
CA SER B 61 37.76 11.56 12.68
C SER B 61 38.49 12.34 13.79
N HIS B 62 39.54 11.78 14.39
CA HIS B 62 40.34 12.50 15.36
C HIS B 62 41.42 13.39 14.71
N THR B 63 41.43 13.40 13.39
CA THR B 63 42.29 14.31 12.63
C THR B 63 41.47 15.57 12.39
N PRO B 64 41.97 16.74 12.84
CA PRO B 64 41.28 18.00 12.60
C PRO B 64 40.99 18.31 11.12
N GLY B 65 39.77 18.71 10.82
CA GLY B 65 39.39 19.11 9.46
C GLY B 65 38.73 18.05 8.60
N ASN B 66 38.70 16.81 9.09
CA ASN B 66 38.12 15.70 8.35
C ASN B 66 36.60 15.53 8.49
N VAL B 67 36.07 15.86 9.66
CA VAL B 67 34.63 15.70 9.93
C VAL B 67 33.99 17.03 10.42
N LYS B 68 32.76 17.32 10.00
CA LYS B 68 32.08 18.58 10.35
C LYS B 68 32.04 18.73 11.86
N ASN B 69 32.26 19.95 12.34
CA ASN B 69 32.23 20.31 13.76
C ASN B 69 33.07 19.37 14.63
N GLY B 70 34.08 18.72 14.05
CA GLY B 70 35.00 17.86 14.80
C GLY B 70 34.39 16.64 15.47
N ASP B 71 33.26 16.17 14.94
CA ASP B 71 32.58 15.03 15.52
C ASP B 71 33.39 13.78 15.33
N THR B 72 33.27 12.85 16.27
CA THR B 72 33.92 11.55 16.22
C THR B 72 32.86 10.51 16.57
N GLY B 73 33.20 9.24 16.46
CA GLY B 73 32.31 8.20 16.93
C GLY B 73 32.76 7.65 18.27
N ASP B 74 33.38 8.51 19.10
CA ASP B 74 33.74 8.13 20.46
C ASP B 74 32.52 7.68 21.26
N VAL B 75 31.42 8.40 21.07
CA VAL B 75 30.19 8.13 21.83
C VAL B 75 29.08 7.69 20.89
N ALA B 76 28.82 8.49 19.86
CA ALA B 76 27.73 8.23 18.92
C ALA B 76 26.43 7.94 19.70
N CYS B 77 25.86 6.76 19.53
CA CYS B 77 24.56 6.41 20.06
C CYS B 77 24.71 5.59 21.31
N ASP B 78 25.96 5.36 21.71
CA ASP B 78 26.27 4.48 22.84
C ASP B 78 25.50 3.16 22.74
N HIS B 79 25.49 2.58 21.54
CA HIS B 79 24.85 1.28 21.30
C HIS B 79 25.70 0.17 21.86
N TYR B 80 26.98 0.43 22.08
CA TYR B 80 27.83 -0.52 22.77
C TYR B 80 27.27 -0.87 24.16
N ASN B 81 26.63 0.10 24.78
CA ASN B 81 26.01 -0.10 26.11
C ASN B 81 24.48 -0.28 26.02
N ARG B 82 23.86 0.47 25.10
CA ARG B 82 22.40 0.55 25.03
C ARG B 82 21.77 -0.36 24.00
N TRP B 83 22.50 -1.41 23.63
CA TRP B 83 22.07 -2.35 22.59
C TRP B 83 20.75 -3.06 22.87
N LYS B 84 20.48 -3.43 24.13
CA LYS B 84 19.26 -4.19 24.47
C LYS B 84 18.01 -3.38 24.16
N GLU B 85 18.01 -2.12 24.59
CA GLU B 85 16.94 -1.18 24.26
CA GLU B 85 16.96 -1.16 24.27
C GLU B 85 16.70 -1.13 22.76
N ASP B 86 17.77 -0.88 21.99
CA ASP B 86 17.68 -0.75 20.54
C ASP B 86 17.06 -2.00 19.90
N ILE B 87 17.47 -3.18 20.35
CA ILE B 87 16.84 -4.41 19.86
C ILE B 87 15.36 -4.44 20.23
N GLU B 88 15.03 -4.07 21.47
CA GLU B 88 13.63 -4.00 21.91
C GLU B 88 12.79 -3.00 21.10
N ILE B 89 13.39 -1.89 20.66
CA ILE B 89 12.68 -0.97 19.76
C ILE B 89 12.31 -1.69 18.47
N ILE B 90 13.26 -2.44 17.92
CA ILE B 90 13.02 -3.19 16.69
C ILE B 90 11.84 -4.12 16.94
N GLU B 91 11.98 -5.00 17.94
CA GLU B 91 10.89 -5.87 18.39
C GLU B 91 9.55 -5.09 18.59
N LYS B 92 9.56 -4.12 19.51
CA LYS B 92 8.44 -3.18 19.70
C LYS B 92 7.73 -2.82 18.39
N LEU B 93 8.51 -2.68 17.31
CA LEU B 93 7.99 -2.22 16.02
C LEU B 93 7.69 -3.36 15.05
N GLY B 94 8.08 -4.58 15.42
CA GLY B 94 7.74 -5.77 14.61
C GLY B 94 8.57 -5.93 13.34
N VAL B 95 9.54 -5.05 13.14
CA VAL B 95 10.53 -5.22 12.07
C VAL B 95 11.12 -6.61 12.24
N LYS B 96 11.22 -7.37 11.17
CA LYS B 96 11.63 -8.77 11.25
C LYS B 96 13.10 -9.03 10.96
N ALA B 97 13.75 -8.06 10.30
CA ALA B 97 15.21 -8.17 10.03
C ALA B 97 15.99 -6.97 10.54
N TYR B 98 17.22 -7.24 10.94
CA TYR B 98 18.15 -6.20 11.35
C TYR B 98 19.49 -6.37 10.64
N ARG B 99 19.86 -5.38 9.84
CA ARG B 99 21.15 -5.37 9.18
C ARG B 99 22.10 -4.56 10.04
N PHE B 100 23.16 -5.22 10.52
CA PHE B 100 24.18 -4.52 11.30
C PHE B 100 25.58 -4.97 10.92
N SER B 101 26.56 -4.10 11.20
CA SER B 101 27.94 -4.48 10.89
C SER B 101 28.75 -4.85 12.12
N ILE B 102 29.78 -5.65 11.86
CA ILE B 102 30.73 -6.04 12.86
C ILE B 102 32.02 -5.20 12.68
N SER B 103 32.55 -4.72 13.81
CA SER B 103 33.77 -3.94 13.87
C SER B 103 34.94 -4.90 13.82
N TRP B 104 35.63 -4.91 12.69
CA TRP B 104 36.82 -5.74 12.52
C TRP B 104 37.82 -5.61 13.71
N PRO B 105 38.24 -4.37 14.07
CA PRO B 105 39.23 -4.20 15.16
C PRO B 105 38.76 -4.52 16.60
N ARG B 106 37.46 -4.68 16.81
CA ARG B 106 36.93 -5.24 18.05
C ARG B 106 37.23 -6.72 18.14
N ILE B 107 37.28 -7.39 16.99
CA ILE B 107 37.44 -8.86 16.87
C ILE B 107 38.92 -9.25 16.75
N LEU B 108 39.64 -8.49 15.91
CA LEU B 108 41.09 -8.66 15.77
C LEU B 108 41.72 -7.29 15.88
N PRO B 109 42.15 -6.92 17.09
CA PRO B 109 42.66 -5.57 17.30
C PRO B 109 43.83 -5.21 16.40
N GLU B 110 44.62 -6.23 16.02
CA GLU B 110 45.77 -6.04 15.12
CA GLU B 110 45.79 -6.07 15.14
C GLU B 110 45.43 -6.40 13.68
N GLY B 111 44.14 -6.58 13.40
CA GLY B 111 43.68 -6.92 12.05
C GLY B 111 43.79 -8.40 11.75
N THR B 112 44.91 -9.01 12.12
CA THR B 112 45.13 -10.45 12.00
C THR B 112 45.64 -10.94 13.35
N GLY B 113 45.69 -12.27 13.52
CA GLY B 113 46.33 -12.88 14.69
C GLY B 113 45.38 -13.12 15.85
N ARG B 114 45.63 -12.43 16.93
CA ARG B 114 44.93 -12.65 18.19
C ARG B 114 43.47 -12.25 18.13
N VAL B 115 42.58 -13.20 18.43
CA VAL B 115 41.14 -12.92 18.51
C VAL B 115 40.77 -12.31 19.87
N ASN B 116 39.92 -11.29 19.87
CA ASN B 116 39.51 -10.66 21.10
C ASN B 116 38.16 -11.25 21.58
N GLN B 117 38.23 -12.16 22.55
CA GLN B 117 37.04 -12.83 23.13
C GLN B 117 35.94 -11.84 23.53
N LYS B 118 36.31 -10.70 24.08
CA LYS B 118 35.33 -9.72 24.50
C LYS B 118 34.60 -9.04 23.33
N GLY B 119 35.24 -9.07 22.16
CA GLY B 119 34.62 -8.59 20.93
C GLY B 119 33.62 -9.61 20.45
N LEU B 120 34.02 -10.88 20.46
CA LEU B 120 33.08 -11.97 20.21
C LEU B 120 31.83 -11.94 21.11
N ASP B 121 32.01 -11.61 22.40
CA ASP B 121 30.92 -11.58 23.39
C ASP B 121 29.89 -10.55 23.04
N PHE B 122 30.36 -9.38 22.59
CA PHE B 122 29.48 -8.28 22.30
C PHE B 122 28.51 -8.63 21.21
N TYR B 123 29.01 -9.24 20.13
CA TYR B 123 28.15 -9.54 19.00
C TYR B 123 27.28 -10.79 19.26
N ASN B 124 27.83 -11.80 19.94
CA ASN B 124 27.02 -12.98 20.32
C ASN B 124 25.75 -12.63 21.12
N ARG B 125 25.86 -11.73 22.09
CA ARG B 125 24.68 -11.27 22.84
C ARG B 125 23.68 -10.53 21.94
N ILE B 126 24.15 -9.79 20.94
CA ILE B 126 23.25 -9.15 19.98
C ILE B 126 22.57 -10.19 19.09
N ILE B 127 23.38 -11.15 18.63
CA ILE B 127 22.91 -12.25 17.79
C ILE B 127 21.91 -13.15 18.54
N ASP B 128 22.17 -13.43 19.82
CA ASP B 128 21.27 -14.26 20.63
C ASP B 128 19.94 -13.57 20.88
N THR B 129 20.01 -12.35 21.40
CA THR B 129 18.85 -11.49 21.61
C THR B 129 17.94 -11.36 20.39
N LEU B 130 18.53 -11.08 19.22
CA LEU B 130 17.78 -11.01 17.97
C LEU B 130 17.04 -12.32 17.68
N LEU B 131 17.75 -13.45 17.82
CA LEU B 131 17.15 -14.77 17.62
C LEU B 131 15.99 -15.05 18.60
N GLU B 132 16.24 -14.81 19.90
CA GLU B 132 15.22 -14.86 20.97
C GLU B 132 13.94 -14.11 20.61
N LYS B 133 14.08 -12.99 19.90
CA LYS B 133 12.93 -12.13 19.56
C LYS B 133 12.37 -12.33 18.14
N GLY B 134 12.84 -13.36 17.44
CA GLY B 134 12.38 -13.62 16.06
C GLY B 134 12.73 -12.52 15.05
N ILE B 135 13.84 -11.80 15.30
CA ILE B 135 14.40 -10.81 14.35
C ILE B 135 15.58 -11.49 13.62
N THR B 136 15.52 -11.51 12.29
CA THR B 136 16.53 -12.17 11.45
C THR B 136 17.78 -11.27 11.26
N PRO B 137 18.96 -11.75 11.70
CA PRO B 137 20.23 -11.00 11.50
C PRO B 137 20.85 -11.06 10.08
N PHE B 138 20.98 -9.90 9.46
CA PHE B 138 21.83 -9.74 8.28
C PHE B 138 23.13 -9.05 8.71
N VAL B 139 24.25 -9.76 8.70
CA VAL B 139 25.55 -9.22 9.14
C VAL B 139 26.41 -8.69 7.99
N THR B 140 26.73 -7.39 8.04
CA THR B 140 27.72 -6.78 7.14
C THR B 140 29.09 -7.01 7.75
N ILE B 141 29.93 -7.77 7.06
CA ILE B 141 31.27 -8.10 7.58
C ILE B 141 32.15 -6.83 7.64
N TYR B 142 32.08 -6.03 6.58
CA TYR B 142 32.87 -4.78 6.49
C TYR B 142 32.03 -3.57 6.13
N HIS B 143 31.87 -2.65 7.08
CA HIS B 143 31.17 -1.38 6.79
C HIS B 143 32.11 -0.22 7.19
N TRP B 144 33.38 -0.35 6.76
CA TRP B 144 34.32 0.77 6.61
C TRP B 144 35.28 0.99 7.78
N ASP B 145 35.08 0.31 8.90
CA ASP B 145 36.00 0.52 10.03
C ASP B 145 37.19 -0.45 10.01
N LEU B 146 38.08 -0.26 9.02
CA LEU B 146 39.28 -1.11 8.88
C LEU B 146 40.14 -0.93 10.10
N PRO B 147 40.74 -2.02 10.63
CA PRO B 147 41.70 -1.88 11.73
C PRO B 147 42.84 -0.95 11.31
N PHE B 148 43.18 -0.01 12.19
CA PHE B 148 44.27 0.91 11.89
C PHE B 148 45.58 0.15 11.60
N ALA B 149 45.83 -0.97 12.31
CA ALA B 149 47.05 -1.78 12.11
C ALA B 149 47.24 -2.19 10.65
N LEU B 150 46.13 -2.44 9.96
CA LEU B 150 46.20 -2.88 8.56
C LEU B 150 46.32 -1.71 7.60
N GLN B 151 45.82 -0.53 7.99
CA GLN B 151 46.10 0.70 7.24
C GLN B 151 47.61 1.04 7.19
N LEU B 152 48.28 0.91 8.34
CA LEU B 152 49.75 1.03 8.43
C LEU B 152 50.45 0.13 7.41
N LYS B 153 49.82 -0.99 7.07
CA LYS B 153 50.33 -1.89 6.01
C LYS B 153 49.72 -1.66 4.61
N GLY B 154 49.07 -0.51 4.41
CA GLY B 154 48.54 -0.17 3.08
C GLY B 154 47.04 -0.38 2.94
N GLY B 155 46.46 -1.16 3.84
CA GLY B 155 45.01 -1.39 3.85
C GLY B 155 44.54 -1.94 2.52
N TRP B 156 43.52 -1.29 1.92
CA TRP B 156 42.91 -1.82 0.69
C TRP B 156 43.82 -1.72 -0.52
N ALA B 157 44.92 -0.99 -0.37
CA ALA B 157 45.93 -0.87 -1.45
C ALA B 157 46.79 -2.13 -1.55
N ASN B 158 46.84 -2.92 -0.48
CA ASN B 158 47.80 -4.03 -0.37
C ASN B 158 47.10 -5.32 -0.78
N ARG B 159 47.66 -6.04 -1.76
CA ARG B 159 47.12 -7.30 -2.26
C ARG B 159 46.85 -8.27 -1.13
N GLU B 160 47.70 -8.19 -0.10
CA GLU B 160 47.61 -9.09 1.06
CA GLU B 160 47.62 -9.09 1.05
C GLU B 160 46.30 -8.96 1.82
N ILE B 161 45.62 -7.84 1.65
CA ILE B 161 44.34 -7.66 2.36
C ILE B 161 43.36 -8.82 2.03
N ALA B 162 43.53 -9.46 0.88
CA ALA B 162 42.61 -10.55 0.54
C ALA B 162 42.79 -11.72 1.52
N ASP B 163 44.02 -11.95 1.98
CA ASP B 163 44.32 -12.93 3.05
CA ASP B 163 44.30 -12.96 3.01
C ASP B 163 43.80 -12.43 4.37
N TRP B 164 44.06 -11.15 4.66
CA TRP B 164 43.61 -10.57 5.94
C TRP B 164 42.07 -10.68 6.09
N PHE B 165 41.35 -10.38 5.00
CA PHE B 165 39.90 -10.34 4.99
C PHE B 165 39.29 -11.74 5.10
N ALA B 166 39.90 -12.70 4.40
CA ALA B 166 39.60 -14.12 4.49
C ALA B 166 39.74 -14.65 5.91
N GLU B 167 40.84 -14.30 6.58
CA GLU B 167 41.08 -14.76 7.96
C GLU B 167 40.06 -14.17 8.93
N TYR B 168 39.81 -12.86 8.83
CA TYR B 168 38.75 -12.21 9.56
C TYR B 168 37.38 -12.88 9.32
N SER B 169 36.98 -12.99 8.06
CA SER B 169 35.74 -13.63 7.64
C SER B 169 35.53 -15.02 8.25
N ARG B 170 36.60 -15.83 8.21
CA ARG B 170 36.58 -17.16 8.78
C ARG B 170 36.25 -17.10 10.27
N VAL B 171 36.88 -16.15 10.98
CA VAL B 171 36.67 -16.04 12.40
C VAL B 171 35.20 -15.76 12.67
N LEU B 172 34.59 -14.87 11.90
CA LEU B 172 33.18 -14.54 12.05
C LEU B 172 32.27 -15.73 11.67
N PHE B 173 32.65 -16.46 10.64
CA PHE B 173 31.84 -17.59 10.21
C PHE B 173 31.91 -18.69 11.27
N GLU B 174 33.12 -19.00 11.74
CA GLU B 174 33.34 -20.05 12.75
C GLU B 174 32.68 -19.72 14.09
N ASN B 175 32.66 -18.43 14.43
CA ASN B 175 32.09 -17.99 15.70
C ASN B 175 30.60 -17.63 15.67
N PHE B 176 30.09 -17.20 14.52
CA PHE B 176 28.74 -16.65 14.48
C PHE B 176 27.82 -17.41 13.54
N GLY B 177 28.38 -18.30 12.73
CA GLY B 177 27.68 -18.84 11.56
C GLY B 177 26.64 -19.91 11.85
N ASP B 178 26.69 -20.45 13.06
CA ASP B 178 25.71 -21.44 13.57
C ASP B 178 24.35 -20.79 13.80
N ARG B 179 24.35 -19.46 13.87
CA ARG B 179 23.16 -18.68 14.14
C ARG B 179 22.92 -17.61 13.07
N VAL B 180 23.99 -17.03 12.51
CA VAL B 180 23.77 -16.07 11.42
C VAL B 180 23.88 -16.77 10.07
N LYS B 181 22.86 -16.59 9.24
CA LYS B 181 22.76 -17.34 7.99
C LYS B 181 22.70 -16.39 6.83
N ASN B 182 22.65 -15.10 7.12
CA ASN B 182 22.58 -14.08 6.08
C ASN B 182 23.75 -13.07 6.20
N TRP B 183 24.62 -13.07 5.20
CA TRP B 183 25.93 -12.39 5.31
C TRP B 183 26.22 -11.49 4.12
N ILE B 184 26.89 -10.37 4.39
CA ILE B 184 27.30 -9.40 3.37
C ILE B 184 28.80 -9.20 3.56
N THR B 185 29.55 -9.33 2.48
CA THR B 185 31.02 -9.16 2.59
C THR B 185 31.35 -7.71 2.80
N LEU B 186 30.97 -6.88 1.84
CA LEU B 186 31.37 -5.51 1.80
C LEU B 186 30.17 -4.63 1.64
N ASN B 187 30.17 -3.53 2.39
CA ASN B 187 29.28 -2.41 2.12
C ASN B 187 29.94 -1.40 1.20
N GLU B 188 29.38 -1.26 0.00
CA GLU B 188 29.72 -0.23 -0.98
C GLU B 188 31.23 -0.11 -1.26
N PRO B 189 31.82 -1.14 -1.90
CA PRO B 189 33.26 -1.08 -2.22
C PRO B 189 33.62 0.15 -3.08
N TRP B 190 32.67 0.66 -3.88
CA TRP B 190 32.92 1.87 -4.65
C TRP B 190 33.31 3.05 -3.76
N VAL B 191 32.58 3.19 -2.65
CA VAL B 191 32.75 4.29 -1.74
C VAL B 191 34.08 4.08 -1.01
N VAL B 192 34.30 2.85 -0.53
CA VAL B 192 35.51 2.48 0.17
C VAL B 192 36.73 2.90 -0.66
N ALA B 193 36.77 2.44 -1.92
CA ALA B 193 37.81 2.73 -2.88
C ALA B 193 37.86 4.21 -3.27
N ILE B 194 36.78 4.73 -3.82
CA ILE B 194 36.86 6.04 -4.48
C ILE B 194 36.73 7.21 -3.48
N VAL B 195 35.79 7.13 -2.56
CA VAL B 195 35.63 8.21 -1.59
C VAL B 195 36.76 8.17 -0.56
N GLY B 196 37.25 6.98 -0.24
CA GLY B 196 38.31 6.86 0.77
C GLY B 196 39.70 7.10 0.23
N HIS B 197 39.91 6.78 -1.06
CA HIS B 197 41.28 6.80 -1.63
C HIS B 197 41.43 7.67 -2.88
N LEU B 198 40.33 8.18 -3.46
CA LEU B 198 40.46 9.20 -4.51
C LEU B 198 40.02 10.61 -4.06
N TYR B 199 38.86 10.73 -3.44
CA TYR B 199 38.37 12.05 -3.01
C TYR B 199 38.97 12.46 -1.69
N GLY B 200 39.38 11.47 -0.90
CA GLY B 200 39.96 11.70 0.44
C GLY B 200 38.96 12.17 1.49
N VAL B 201 37.65 12.04 1.20
CA VAL B 201 36.56 12.51 2.07
C VAL B 201 36.23 11.51 3.19
N HIS B 202 36.59 10.23 2.97
CA HIS B 202 36.36 9.18 3.96
C HIS B 202 37.70 8.56 4.30
N ALA B 203 37.81 7.94 5.47
CA ALA B 203 39.04 7.22 5.82
C ALA B 203 39.41 6.20 4.72
N PRO B 204 40.73 6.03 4.44
CA PRO B 204 41.86 6.70 5.11
C PRO B 204 42.23 8.13 4.64
N GLY B 205 41.42 8.75 3.79
CA GLY B 205 41.62 10.15 3.47
C GLY B 205 42.71 10.43 2.46
N MET B 206 42.90 9.49 1.52
CA MET B 206 43.91 9.60 0.47
CA MET B 206 43.91 9.58 0.46
C MET B 206 43.32 10.15 -0.83
N ARG B 207 44.18 10.74 -1.67
CA ARG B 207 43.77 11.17 -2.99
CA ARG B 207 43.79 11.20 -2.99
C ARG B 207 44.79 10.70 -4.02
N ASP B 208 44.59 9.48 -4.50
CA ASP B 208 45.50 8.88 -5.48
C ASP B 208 44.71 7.86 -6.32
N ILE B 209 44.63 8.13 -7.62
CA ILE B 209 43.71 7.40 -8.51
C ILE B 209 44.24 6.01 -8.78
N TYR B 210 45.57 5.87 -8.70
CA TYR B 210 46.18 4.58 -8.89
C TYR B 210 45.91 3.73 -7.64
N VAL B 211 46.07 4.30 -6.46
CA VAL B 211 45.70 3.57 -5.25
C VAL B 211 44.20 3.18 -5.25
N ALA B 212 43.34 4.14 -5.61
CA ALA B 212 41.88 3.97 -5.62
C ALA B 212 41.49 2.75 -6.45
N PHE B 213 42.07 2.61 -7.65
CA PHE B 213 41.72 1.45 -8.51
C PHE B 213 42.32 0.13 -8.04
N ARG B 214 43.47 0.20 -7.38
CA ARG B 214 44.00 -1.02 -6.78
C ARG B 214 43.12 -1.45 -5.62
N ALA B 215 42.59 -0.48 -4.87
CA ALA B 215 41.56 -0.76 -3.87
C ALA B 215 40.25 -1.39 -4.45
N VAL B 216 39.76 -0.87 -5.57
CA VAL B 216 38.60 -1.48 -6.26
C VAL B 216 38.88 -2.96 -6.49
N HIS B 217 40.06 -3.21 -7.04
CA HIS B 217 40.48 -4.56 -7.40
C HIS B 217 40.73 -5.49 -6.22
N ASN B 218 41.40 -5.01 -5.20
CA ASN B 218 41.61 -5.78 -3.98
C ASN B 218 40.32 -6.04 -3.17
N LEU B 219 39.36 -5.12 -3.24
CA LEU B 219 38.02 -5.33 -2.64
C LEU B 219 37.33 -6.53 -3.25
N LEU B 220 37.36 -6.64 -4.57
CA LEU B 220 36.80 -7.78 -5.30
C LEU B 220 37.52 -9.09 -4.96
N ARG B 221 38.86 -9.04 -4.92
CA ARG B 221 39.65 -10.21 -4.55
C ARG B 221 39.33 -10.67 -3.09
N ALA B 222 39.24 -9.72 -2.17
CA ALA B 222 38.94 -10.02 -0.76
C ALA B 222 37.51 -10.55 -0.57
N HIS B 223 36.57 -9.94 -1.27
CA HIS B 223 35.20 -10.43 -1.32
C HIS B 223 35.09 -11.90 -1.75
N ALA B 224 35.80 -12.26 -2.83
CA ALA B 224 35.76 -13.61 -3.37
C ALA B 224 36.40 -14.64 -2.48
N ARG B 225 37.52 -14.27 -1.84
CA ARG B 225 38.17 -15.10 -0.84
C ARG B 225 37.25 -15.39 0.33
N ALA B 226 36.49 -14.39 0.76
CA ALA B 226 35.56 -14.55 1.88
C ALA B 226 34.41 -15.50 1.51
N VAL B 227 33.85 -15.34 0.31
CA VAL B 227 32.79 -16.25 -0.17
C VAL B 227 33.30 -17.70 -0.24
N LYS B 228 34.51 -17.89 -0.79
CA LYS B 228 35.14 -19.20 -0.84
C LYS B 228 35.30 -19.79 0.57
N VAL B 229 35.72 -18.98 1.54
CA VAL B 229 35.78 -19.43 2.95
C VAL B 229 34.36 -19.73 3.47
N PHE B 230 33.40 -18.91 3.05
CA PHE B 230 32.01 -19.07 3.53
C PHE B 230 31.45 -20.45 3.13
N ARG B 231 31.82 -20.94 1.95
CA ARG B 231 31.30 -22.22 1.47
C ARG B 231 31.84 -23.39 2.28
N GLU B 232 33.04 -23.21 2.81
CA GLU B 232 33.67 -24.20 3.70
C GLU B 232 33.11 -24.18 5.13
N THR B 233 32.49 -23.09 5.57
CA THR B 233 32.24 -22.88 7.00
C THR B 233 30.79 -22.72 7.44
N VAL B 234 29.92 -22.19 6.59
CA VAL B 234 28.52 -21.99 7.01
C VAL B 234 27.59 -22.86 6.15
N LYS B 235 26.79 -23.69 6.83
CA LYS B 235 26.01 -24.78 6.21
C LYS B 235 24.85 -24.33 5.31
N ASP B 236 23.86 -23.69 5.92
CA ASP B 236 22.70 -23.23 5.18
C ASP B 236 22.71 -21.71 5.12
N GLY B 237 23.90 -21.14 4.98
CA GLY B 237 24.04 -19.70 4.87
C GLY B 237 23.85 -19.17 3.46
N LYS B 238 23.42 -17.90 3.38
CA LYS B 238 23.48 -17.13 2.15
C LYS B 238 24.50 -15.97 2.30
N ILE B 239 25.24 -15.70 1.22
CA ILE B 239 26.23 -14.60 1.23
C ILE B 239 26.10 -13.69 0.01
N GLY B 240 26.19 -12.38 0.25
CA GLY B 240 26.10 -11.39 -0.83
C GLY B 240 27.07 -10.22 -0.65
N ILE B 241 26.82 -9.16 -1.40
CA ILE B 241 27.66 -8.00 -1.40
C ILE B 241 26.76 -6.82 -1.74
N VAL B 242 27.11 -5.64 -1.24
CA VAL B 242 26.24 -4.47 -1.30
C VAL B 242 26.87 -3.34 -2.06
N PHE B 243 26.11 -2.79 -2.99
CA PHE B 243 26.59 -1.70 -3.81
C PHE B 243 25.73 -0.48 -3.67
N ASN B 244 26.38 0.69 -3.71
CA ASN B 244 25.69 1.96 -3.82
C ASN B 244 25.26 2.17 -5.24
N ASN B 245 24.10 2.82 -5.41
CA ASN B 245 23.59 3.09 -6.73
C ASN B 245 22.84 4.42 -6.76
N GLY B 246 23.01 5.15 -7.84
CA GLY B 246 22.21 6.33 -8.11
C GLY B 246 21.54 6.15 -9.46
N TYR B 247 20.43 6.85 -9.64
CA TYR B 247 19.73 6.88 -10.92
C TYR B 247 20.20 8.10 -11.65
N PHE B 248 20.96 7.88 -12.73
CA PHE B 248 21.49 8.92 -13.60
C PHE B 248 20.65 9.12 -14.88
N GLU B 249 20.28 10.37 -15.14
CA GLU B 249 19.56 10.72 -16.36
C GLU B 249 20.34 11.77 -17.16
N PRO B 250 20.21 11.74 -18.50
CA PRO B 250 20.94 12.70 -19.33
C PRO B 250 20.34 14.11 -19.24
N ALA B 251 21.18 15.13 -19.38
CA ALA B 251 20.74 16.52 -19.34
C ALA B 251 20.01 16.89 -20.63
N SER B 252 20.40 16.23 -21.72
CA SER B 252 19.79 16.40 -23.03
C SER B 252 19.75 15.05 -23.74
N GLU B 253 19.32 15.07 -25.00
CA GLU B 253 19.36 13.86 -25.82
C GLU B 253 20.54 13.84 -26.77
N LYS B 254 21.46 14.80 -26.65
CA LYS B 254 22.74 14.70 -27.35
C LYS B 254 23.35 13.33 -27.04
N GLU B 255 23.98 12.71 -28.03
CA GLU B 255 24.56 11.38 -27.85
C GLU B 255 25.54 11.34 -26.67
N GLU B 256 26.46 12.31 -26.65
CA GLU B 256 27.46 12.44 -25.59
C GLU B 256 26.90 12.50 -24.17
N ASP B 257 25.70 13.05 -24.02
CA ASP B 257 25.05 13.09 -22.70
C ASP B 257 24.53 11.72 -22.27
N ILE B 258 23.97 10.99 -23.22
CA ILE B 258 23.44 9.63 -23.01
C ILE B 258 24.61 8.70 -22.65
N ARG B 259 25.73 8.85 -23.36
CA ARG B 259 26.94 8.10 -23.06
C ARG B 259 27.57 8.47 -21.70
N ALA B 260 27.36 9.70 -21.25
CA ALA B 260 27.85 10.12 -19.94
C ALA B 260 27.09 9.37 -18.87
N VAL B 261 25.78 9.20 -19.06
CA VAL B 261 24.97 8.37 -18.18
C VAL B 261 25.49 6.92 -18.13
N ARG B 262 25.79 6.37 -19.31
CA ARG B 262 26.25 5.01 -19.47
C ARG B 262 27.57 4.81 -18.66
N PHE B 263 28.47 5.79 -18.76
CA PHE B 263 29.71 5.78 -17.99
C PHE B 263 29.42 5.81 -16.51
N MET B 264 28.45 6.61 -16.09
CA MET B 264 28.17 6.78 -14.66
C MET B 264 27.56 5.56 -14.05
N HIS B 265 26.66 4.91 -14.80
CA HIS B 265 26.09 3.63 -14.39
C HIS B 265 27.23 2.61 -14.27
N GLN B 266 28.04 2.47 -15.31
CA GLN B 266 29.11 1.47 -15.28
C GLN B 266 30.11 1.67 -14.10
N PHE B 267 30.41 2.91 -13.74
CA PHE B 267 31.45 3.23 -12.72
C PHE B 267 30.90 3.36 -11.30
N ASN B 268 29.88 4.20 -11.16
CA ASN B 268 29.30 4.49 -9.87
C ASN B 268 28.37 3.44 -9.35
N ASN B 269 27.80 2.65 -10.25
CA ASN B 269 26.74 1.68 -9.84
C ASN B 269 27.27 0.22 -9.80
N TYR B 270 26.40 -0.73 -9.45
CA TYR B 270 26.78 -2.16 -9.37
C TYR B 270 27.61 -2.75 -10.54
N PRO B 271 27.51 -2.27 -11.81
CA PRO B 271 28.29 -3.01 -12.83
C PRO B 271 29.81 -3.01 -12.62
N LEU B 272 30.35 -2.01 -11.91
CA LEU B 272 31.80 -1.98 -11.64
C LEU B 272 32.27 -3.28 -11.00
N PHE B 273 31.44 -3.87 -10.16
CA PHE B 273 31.77 -5.07 -9.42
C PHE B 273 31.05 -6.31 -9.96
N LEU B 274 29.87 -6.10 -10.53
CA LEU B 274 29.08 -7.22 -11.08
C LEU B 274 29.54 -7.68 -12.46
N ASN B 275 30.10 -6.78 -13.27
CA ASN B 275 30.72 -7.22 -14.52
C ASN B 275 31.90 -8.13 -14.22
N PRO B 276 32.82 -7.72 -13.32
CA PRO B 276 33.81 -8.70 -12.82
C PRO B 276 33.25 -10.05 -12.29
N ILE B 277 32.33 -9.99 -11.34
CA ILE B 277 31.79 -11.20 -10.66
C ILE B 277 31.03 -12.17 -11.64
N TYR B 278 30.16 -11.61 -12.48
CA TYR B 278 29.40 -12.38 -13.48
C TYR B 278 30.02 -12.56 -14.88
N ARG B 279 30.83 -11.61 -15.35
CA ARG B 279 31.35 -11.66 -16.74
C ARG B 279 32.88 -11.77 -16.83
N GLY B 280 33.58 -11.53 -15.73
CA GLY B 280 35.02 -11.77 -15.68
C GLY B 280 35.89 -10.65 -16.22
N ASP B 281 35.36 -9.43 -16.25
CA ASP B 281 36.18 -8.24 -16.54
C ASP B 281 35.43 -6.98 -16.09
N TYR B 282 36.12 -5.85 -16.00
CA TYR B 282 35.43 -4.59 -15.68
C TYR B 282 34.54 -4.15 -16.86
N PRO B 283 33.53 -3.29 -16.62
CA PRO B 283 32.73 -2.78 -17.74
C PRO B 283 33.58 -2.01 -18.76
N GLU B 284 33.10 -1.99 -20.01
CA GLU B 284 33.78 -1.42 -21.17
CA GLU B 284 33.86 -1.45 -21.12
C GLU B 284 34.27 0.02 -20.98
N LEU B 285 33.39 0.86 -20.48
CA LEU B 285 33.69 2.29 -20.39
C LEU B 285 34.54 2.60 -19.15
N VAL B 286 34.42 1.77 -18.11
CA VAL B 286 35.35 1.83 -16.97
C VAL B 286 36.78 1.55 -17.46
N LEU B 287 36.97 0.51 -18.27
CA LEU B 287 38.30 0.22 -18.82
C LEU B 287 38.86 1.33 -19.73
N GLU B 288 37.99 1.96 -20.53
CA GLU B 288 38.42 3.12 -21.36
C GLU B 288 38.92 4.25 -20.50
N PHE B 289 38.29 4.42 -19.35
CA PHE B 289 38.68 5.47 -18.40
C PHE B 289 39.92 5.13 -17.59
N ALA B 290 39.96 3.91 -17.09
CA ALA B 290 40.76 3.60 -15.92
C ALA B 290 41.72 2.43 -16.04
N ARG B 291 41.93 1.91 -17.26
CA ARG B 291 42.85 0.79 -17.47
C ARG B 291 44.31 1.15 -17.07
N GLU B 292 44.76 2.39 -17.25
CA GLU B 292 46.13 2.74 -16.85
CA GLU B 292 46.13 2.77 -16.84
C GLU B 292 46.29 2.78 -15.32
N TYR B 293 45.16 2.87 -14.60
CA TYR B 293 45.16 2.90 -13.12
C TYR B 293 45.01 1.53 -12.47
N LEU B 294 44.51 0.54 -13.21
CA LEU B 294 44.35 -0.82 -12.64
C LEU B 294 45.67 -1.57 -12.63
N PRO B 295 45.84 -2.54 -11.69
CA PRO B 295 47.10 -3.30 -11.68
C PRO B 295 47.40 -3.98 -13.02
N GLU B 296 48.67 -4.07 -13.40
N GLU B 296 48.71 -4.07 -13.27
CA GLU B 296 49.03 -4.46 -14.79
CA GLU B 296 49.31 -4.96 -14.24
C GLU B 296 48.36 -5.74 -15.34
C GLU B 296 48.83 -6.37 -13.98
N ASN B 297 48.38 -6.80 -14.53
N ASN B 297 48.28 -6.99 -15.01
CA ASN B 297 47.86 -8.08 -14.94
CA ASN B 297 47.82 -8.35 -14.89
C ASN B 297 46.60 -8.46 -14.15
C ASN B 297 46.61 -8.49 -13.97
N TYR B 298 45.77 -7.45 -13.89
CA TYR B 298 44.56 -7.55 -13.03
C TYR B 298 43.66 -8.71 -13.48
N LYS B 299 43.64 -8.98 -14.78
CA LYS B 299 42.67 -9.92 -15.32
C LYS B 299 43.04 -11.34 -14.95
N ASP B 300 44.29 -11.56 -14.49
CA ASP B 300 44.65 -12.87 -13.91
C ASP B 300 43.84 -13.20 -12.68
N ASP B 301 43.23 -12.19 -12.04
CA ASP B 301 42.49 -12.43 -10.80
C ASP B 301 41.02 -12.69 -11.04
N MET B 302 40.60 -12.50 -12.27
CA MET B 302 39.18 -12.46 -12.60
C MET B 302 38.49 -13.81 -12.47
N SER B 303 39.19 -14.88 -12.86
CA SER B 303 38.61 -16.23 -12.68
C SER B 303 38.28 -16.53 -11.21
N GLU B 304 39.14 -16.10 -10.27
CA GLU B 304 38.78 -16.26 -8.85
C GLU B 304 37.77 -15.21 -8.32
N ILE B 305 37.72 -14.06 -8.94
CA ILE B 305 36.72 -13.05 -8.58
C ILE B 305 35.26 -13.52 -8.86
N GLN B 306 35.09 -14.37 -9.89
CA GLN B 306 33.77 -14.96 -10.21
C GLN B 306 33.20 -16.01 -9.25
N GLU B 307 33.85 -16.24 -8.12
CA GLU B 307 33.28 -17.04 -7.04
C GLU B 307 31.77 -16.73 -6.89
N LYS B 308 30.91 -17.76 -6.96
CA LYS B 308 29.43 -17.59 -7.01
C LYS B 308 28.80 -16.98 -5.75
N ILE B 309 27.95 -15.98 -5.92
CA ILE B 309 27.25 -15.32 -4.80
C ILE B 309 25.76 -15.69 -4.78
N ASP B 310 25.11 -15.52 -3.63
CA ASP B 310 23.70 -15.89 -3.53
C ASP B 310 22.80 -14.69 -3.72
N PHE B 311 23.27 -13.50 -3.37
CA PHE B 311 22.45 -12.29 -3.57
C PHE B 311 23.24 -11.02 -3.87
N VAL B 312 22.54 -10.06 -4.47
CA VAL B 312 23.04 -8.70 -4.62
C VAL B 312 22.22 -7.75 -3.74
N GLY B 313 22.87 -7.05 -2.82
CA GLY B 313 22.22 -5.98 -2.09
C GLY B 313 22.38 -4.68 -2.86
N LEU B 314 21.28 -3.92 -3.03
CA LEU B 314 21.39 -2.59 -3.64
C LEU B 314 21.00 -1.53 -2.62
N ASN B 315 21.83 -0.49 -2.51
CA ASN B 315 21.53 0.68 -1.69
C ASN B 315 21.13 1.78 -2.66
N TYR B 316 20.09 2.51 -2.32
CA TYR B 316 19.57 3.53 -3.23
C TYR B 316 18.99 4.71 -2.45
N TYR B 317 19.36 5.90 -2.88
CA TYR B 317 18.90 7.10 -2.20
C TYR B 317 18.50 8.18 -3.17
N SER B 318 19.19 8.33 -4.29
CA SER B 318 19.07 9.59 -5.02
C SER B 318 19.25 9.50 -6.52
N GLY B 319 18.79 10.56 -7.21
CA GLY B 319 18.96 10.70 -8.67
C GLY B 319 19.88 11.86 -9.03
N HIS B 320 20.44 11.82 -10.24
CA HIS B 320 21.37 12.84 -10.67
C HIS B 320 21.18 13.03 -12.15
N LEU B 321 21.22 14.29 -12.58
CA LEU B 321 21.23 14.62 -14.00
C LEU B 321 22.66 14.90 -14.38
N VAL B 322 23.11 14.35 -15.50
CA VAL B 322 24.51 14.47 -15.89
C VAL B 322 24.62 14.82 -17.35
N LYS B 323 25.76 15.40 -17.70
CA LYS B 323 26.06 15.83 -19.05
C LYS B 323 27.53 15.51 -19.31
N PHE B 324 27.85 15.31 -20.58
CA PHE B 324 29.22 15.28 -21.05
C PHE B 324 29.85 16.65 -20.80
N ASP B 325 31.12 16.66 -20.42
CA ASP B 325 31.85 17.89 -20.12
C ASP B 325 33.34 17.60 -20.19
N PRO B 326 34.00 18.02 -21.30
CA PRO B 326 35.40 17.69 -21.60
C PRO B 326 36.44 18.31 -20.64
N ASP B 327 35.96 19.11 -19.70
CA ASP B 327 36.80 19.76 -18.69
C ASP B 327 36.88 18.94 -17.40
N ALA B 328 35.88 18.08 -17.18
CA ALA B 328 35.76 17.31 -15.93
C ALA B 328 36.67 16.09 -15.89
N ALA B 330 35.99 13.13 -15.08
CA ALA B 330 36.07 12.02 -16.03
C ALA B 330 35.21 12.26 -17.28
N LYS B 331 35.20 13.51 -17.75
CA LYS B 331 34.37 13.97 -18.88
C LYS B 331 32.87 13.95 -18.57
N VAL B 332 32.53 14.07 -17.28
CA VAL B 332 31.15 14.05 -16.82
C VAL B 332 30.95 15.06 -15.69
N SER B 333 29.87 15.84 -15.77
CA SER B 333 29.48 16.77 -14.70
C SER B 333 28.03 16.57 -14.33
N PHE B 334 27.73 16.68 -13.04
CA PHE B 334 26.36 16.72 -12.57
C PHE B 334 25.80 18.10 -12.89
N VAL B 335 24.49 18.18 -13.01
CA VAL B 335 23.80 19.46 -13.16
C VAL B 335 22.58 19.46 -12.25
N GLU B 336 22.47 20.51 -11.45
CA GLU B 336 21.48 20.57 -10.39
C GLU B 336 20.08 20.73 -10.98
N ARG B 337 19.08 20.26 -10.23
CA ARG B 337 17.69 20.31 -10.66
C ARG B 337 16.81 20.94 -9.58
N ASP B 338 15.58 21.27 -9.97
CA ASP B 338 14.51 21.65 -9.06
C ASP B 338 14.27 20.48 -8.11
N LEU B 339 13.20 19.72 -8.33
CA LEU B 339 12.86 18.54 -7.51
C LEU B 339 13.13 18.71 -6.01
N PRO B 340 12.29 18.10 -5.15
CA PRO B 340 12.58 18.20 -3.71
C PRO B 340 13.99 17.66 -3.37
N LYS B 341 14.48 17.95 -2.17
CA LYS B 341 15.81 17.52 -1.73
C LYS B 341 15.76 17.11 -0.27
N THR B 342 16.69 16.27 0.17
CA THR B 342 16.84 15.96 1.59
C THR B 342 17.78 16.98 2.23
N ALA B 343 18.02 16.84 3.54
CA ALA B 343 19.07 17.63 4.24
C ALA B 343 20.49 17.51 3.62
N MET B 344 20.75 16.41 2.90
CA MET B 344 22.04 16.22 2.25
C MET B 344 22.05 16.91 0.88
N GLY B 345 20.89 17.41 0.46
CA GLY B 345 20.80 18.04 -0.86
C GLY B 345 20.62 17.00 -1.94
N TRP B 346 20.24 15.79 -1.57
CA TRP B 346 20.11 14.75 -2.55
C TRP B 346 18.72 14.81 -3.15
N GLU B 347 18.65 14.92 -4.48
CA GLU B 347 17.38 14.96 -5.19
C GLU B 347 16.56 13.67 -5.05
N ILE B 348 15.28 13.85 -4.71
CA ILE B 348 14.36 12.76 -4.40
C ILE B 348 13.68 12.27 -5.68
N VAL B 349 14.10 11.09 -6.16
CA VAL B 349 13.66 10.56 -7.44
C VAL B 349 13.25 9.08 -7.30
N PRO B 350 12.11 8.80 -6.64
CA PRO B 350 11.73 7.43 -6.27
C PRO B 350 11.74 6.42 -7.41
N GLU B 351 11.50 6.86 -8.66
CA GLU B 351 11.49 5.95 -9.79
C GLU B 351 12.89 5.40 -10.16
N GLY B 352 13.92 5.87 -9.45
CA GLY B 352 15.28 5.36 -9.60
C GLY B 352 15.44 4.01 -8.98
N ILE B 353 14.67 3.74 -7.91
CA ILE B 353 14.74 2.43 -7.27
C ILE B 353 14.12 1.35 -8.17
N TYR B 354 13.08 1.72 -8.92
CA TYR B 354 12.49 0.79 -9.87
C TYR B 354 13.51 0.52 -10.98
N TRP B 355 14.08 1.60 -11.53
CA TRP B 355 14.98 1.52 -12.67
C TRP B 355 16.20 0.65 -12.38
N ILE B 356 16.72 0.77 -11.16
CA ILE B 356 17.96 0.11 -10.79
C ILE B 356 17.69 -1.38 -10.57
N LEU B 357 16.47 -1.66 -10.11
CA LEU B 357 16.01 -3.03 -9.91
C LEU B 357 15.79 -3.76 -11.23
N LYS B 358 15.11 -3.11 -12.17
CA LYS B 358 14.92 -3.66 -13.51
CA LYS B 358 14.92 -3.71 -13.49
C LYS B 358 16.27 -3.88 -14.17
N LYS B 359 17.07 -2.80 -14.19
CA LYS B 359 18.38 -2.82 -14.83
C LYS B 359 19.26 -3.95 -14.33
N VAL B 360 19.27 -4.23 -13.01
CA VAL B 360 20.15 -5.29 -12.49
C VAL B 360 19.72 -6.68 -12.96
N LYS B 361 18.40 -6.90 -13.06
CA LYS B 361 17.86 -8.16 -13.56
C LYS B 361 18.20 -8.28 -15.05
N GLU B 362 18.03 -7.19 -15.81
CA GLU B 362 18.39 -7.17 -17.24
C GLU B 362 19.84 -7.46 -17.55
N GLU B 363 20.75 -6.89 -16.74
CA GLU B 363 22.18 -6.94 -17.04
C GLU B 363 22.82 -8.21 -16.50
N TYR B 364 22.50 -8.58 -15.25
CA TYR B 364 23.21 -9.68 -14.58
C TYR B 364 22.32 -10.83 -14.08
N ASN B 365 21.00 -10.57 -13.97
CA ASN B 365 20.03 -11.61 -13.60
C ASN B 365 20.39 -12.38 -12.32
N PRO B 366 20.67 -11.64 -11.21
CA PRO B 366 21.00 -12.32 -9.95
C PRO B 366 19.78 -13.12 -9.40
N PRO B 367 20.03 -14.17 -8.61
CA PRO B 367 18.91 -15.01 -8.14
C PRO B 367 18.03 -14.25 -7.18
N GLU B 368 18.65 -13.52 -6.25
CA GLU B 368 17.97 -12.73 -5.26
C GLU B 368 18.58 -11.33 -5.26
N VAL B 369 17.72 -10.33 -5.10
CA VAL B 369 18.12 -8.96 -4.86
C VAL B 369 17.50 -8.50 -3.57
N TYR B 370 18.22 -7.70 -2.79
CA TYR B 370 17.66 -7.04 -1.60
C TYR B 370 17.96 -5.56 -1.68
N ILE B 371 17.02 -4.75 -1.21
CA ILE B 371 17.31 -3.34 -0.98
C ILE B 371 17.91 -3.29 0.40
N THR B 372 19.21 -3.02 0.47
CA THR B 372 19.96 -3.10 1.73
C THR B 372 19.98 -1.79 2.50
N GLU B 373 19.71 -0.68 1.80
CA GLU B 373 19.59 0.64 2.40
C GLU B 373 18.72 1.51 1.53
N ASN B 374 17.82 2.23 2.17
CA ASN B 374 17.01 3.25 1.50
C ASN B 374 16.50 4.14 2.61
N GLY B 375 16.58 5.45 2.45
CA GLY B 375 16.33 6.33 3.58
C GLY B 375 16.51 7.79 3.26
N ALA B 376 16.23 8.65 4.24
CA ALA B 376 16.35 10.09 4.01
C ALA B 376 16.80 10.83 5.24
N ALA B 377 17.54 11.91 5.02
CA ALA B 377 17.91 12.81 6.12
C ALA B 377 17.02 14.05 6.08
N PHE B 378 16.51 14.44 7.23
CA PHE B 378 15.69 15.64 7.35
C PHE B 378 15.96 16.30 8.68
N ASP B 379 15.69 17.59 8.76
CA ASP B 379 15.93 18.37 9.98
C ASP B 379 14.89 18.13 11.10
N ASP B 380 14.55 16.86 11.33
CA ASP B 380 13.71 16.39 12.46
C ASP B 380 13.84 17.20 13.77
N VAL B 381 12.70 17.42 14.42
CA VAL B 381 12.64 18.19 15.67
C VAL B 381 11.72 17.52 16.69
N VAL B 382 12.05 17.63 17.97
CA VAL B 382 11.17 17.13 19.03
C VAL B 382 10.08 18.18 19.29
N SER B 383 8.85 17.89 18.85
CA SER B 383 7.71 18.82 19.02
C SER B 383 7.31 18.91 20.48
N GLU B 384 6.62 20.02 20.82
CA GLU B 384 6.09 20.28 22.17
C GLU B 384 5.47 19.01 22.75
N ASP B 385 4.71 18.30 21.91
CA ASP B 385 4.05 17.04 22.29
C ASP B 385 4.98 15.83 22.53
N GLY B 386 6.29 16.03 22.36
CA GLY B 386 7.30 15.00 22.71
C GLY B 386 7.54 13.93 21.65
N ARG B 387 6.96 14.15 20.47
CA ARG B 387 7.10 13.26 19.32
C ARG B 387 7.94 13.96 18.24
N VAL B 388 8.11 13.30 17.09
CA VAL B 388 8.80 13.87 15.93
C VAL B 388 7.93 13.60 14.70
N HIS B 389 7.39 14.65 14.10
CA HIS B 389 6.41 14.49 13.01
C HIS B 389 7.06 14.56 11.66
N ASP B 390 7.63 13.43 11.23
CA ASP B 390 8.39 13.35 9.97
C ASP B 390 7.58 12.78 8.81
N GLN B 391 6.61 13.59 8.37
CA GLN B 391 5.85 13.26 7.19
C GLN B 391 6.78 13.25 6.00
N ASN B 392 7.84 14.05 6.10
CA ASN B 392 8.83 14.16 5.01
C ASN B 392 9.48 12.79 4.73
N ARG B 393 9.92 12.12 5.78
CA ARG B 393 10.49 10.76 5.69
C ARG B 393 9.46 9.71 5.22
N ILE B 394 8.26 9.76 5.81
CA ILE B 394 7.13 8.92 5.36
C ILE B 394 6.88 9.08 3.86
N ASP B 395 6.82 10.33 3.41
CA ASP B 395 6.60 10.62 1.98
C ASP B 395 7.74 10.03 1.09
N TYR B 396 8.97 10.11 1.59
CA TYR B 396 10.13 9.56 0.88
C TYR B 396 10.05 8.03 0.82
N LEU B 397 9.95 7.41 1.99
CA LEU B 397 9.96 5.96 2.07
C LEU B 397 8.83 5.35 1.26
N LYS B 398 7.63 5.90 1.45
CA LYS B 398 6.41 5.39 0.79
C LYS B 398 6.54 5.34 -0.72
N ALA B 399 7.03 6.43 -1.31
CA ALA B 399 7.23 6.49 -2.74
C ALA B 399 8.23 5.43 -3.23
N HIS B 400 9.24 5.15 -2.41
CA HIS B 400 10.31 4.23 -2.84
C HIS B 400 9.86 2.79 -2.77
N ILE B 401 9.26 2.42 -1.64
CA ILE B 401 8.68 1.11 -1.43
C ILE B 401 7.61 0.75 -2.48
N GLY B 402 6.96 1.78 -3.03
CA GLY B 402 5.93 1.60 -4.06
C GLY B 402 6.55 1.42 -5.43
N GLN B 403 7.71 2.03 -5.64
CA GLN B 403 8.47 1.79 -6.87
C GLN B 403 9.13 0.42 -6.78
N ALA B 404 9.53 0.03 -5.57
CA ALA B 404 10.08 -1.29 -5.30
C ALA B 404 9.04 -2.42 -5.47
N TRP B 405 7.83 -2.14 -5.02
CA TRP B 405 6.70 -3.04 -5.26
C TRP B 405 6.52 -3.26 -6.75
N LYS B 406 6.54 -2.17 -7.51
CA LYS B 406 6.36 -2.19 -8.95
C LYS B 406 7.45 -3.00 -9.65
N ALA B 407 8.65 -3.04 -9.06
CA ALA B 407 9.75 -3.80 -9.63
C ALA B 407 9.44 -5.31 -9.54
N ILE B 408 8.95 -5.75 -8.38
CA ILE B 408 8.51 -7.13 -8.23
C ILE B 408 7.44 -7.53 -9.26
N GLN B 409 6.39 -6.74 -9.40
CA GLN B 409 5.31 -7.07 -10.34
C GLN B 409 5.89 -7.36 -11.72
N GLU B 410 6.96 -6.68 -12.09
CA GLU B 410 7.61 -6.95 -13.38
C GLU B 410 8.70 -8.04 -13.32
N GLY B 411 8.63 -8.88 -12.29
CA GLY B 411 9.47 -10.09 -12.19
C GLY B 411 10.84 -10.05 -11.50
N VAL B 412 11.24 -8.87 -10.99
CA VAL B 412 12.53 -8.70 -10.28
C VAL B 412 12.48 -9.43 -8.96
N PRO B 413 13.42 -10.39 -8.73
CA PRO B 413 13.38 -11.21 -7.52
C PRO B 413 13.81 -10.48 -6.25
N LEU B 414 13.16 -9.37 -5.95
CA LEU B 414 13.42 -8.61 -4.74
C LEU B 414 12.89 -9.33 -3.50
N LYS B 415 13.80 -9.72 -2.59
CA LYS B 415 13.44 -10.53 -1.40
C LYS B 415 13.37 -9.76 -0.08
N GLY B 416 13.64 -8.46 -0.07
CA GLY B 416 13.67 -7.74 1.19
C GLY B 416 13.99 -6.28 1.07
N TYR B 417 13.76 -5.53 2.14
CA TYR B 417 13.89 -4.09 2.13
C TYR B 417 14.35 -3.61 3.49
N PHE B 418 15.44 -2.84 3.53
CA PHE B 418 15.96 -2.30 4.79
C PHE B 418 16.00 -0.78 4.72
N VAL B 419 15.36 -0.15 5.71
CA VAL B 419 15.45 1.28 5.90
C VAL B 419 16.81 1.64 6.53
N TRP B 420 17.47 2.63 5.94
CA TRP B 420 18.56 3.29 6.62
C TRP B 420 17.99 4.56 7.22
N SER B 421 18.04 4.71 8.55
CA SER B 421 18.58 3.73 9.49
C SER B 421 17.51 3.53 10.58
N LEU B 422 17.76 2.59 11.51
CA LEU B 422 16.96 2.48 12.73
C LEU B 422 17.12 3.72 13.62
N LEU B 423 18.35 4.24 13.69
CA LEU B 423 18.71 5.26 14.68
C LEU B 423 19.36 6.40 13.93
N ASP B 424 19.11 7.64 14.37
CA ASP B 424 19.99 8.76 14.01
C ASP B 424 21.39 8.35 14.48
N ASN B 425 22.43 8.79 13.76
CA ASN B 425 23.76 8.26 14.06
C ASN B 425 24.89 9.13 13.50
N PHE B 426 26.14 8.65 13.64
CA PHE B 426 27.31 9.39 13.13
C PHE B 426 27.30 9.33 11.61
N GLU B 427 26.99 10.43 10.94
CA GLU B 427 26.90 10.35 9.48
C GLU B 427 28.23 10.69 8.81
N TRP B 428 29.25 9.91 9.18
CA TRP B 428 30.59 9.98 8.57
C TRP B 428 31.17 11.42 8.52
N ALA B 429 31.58 11.93 7.36
CA ALA B 429 32.19 13.28 7.35
C ALA B 429 31.19 14.40 7.75
N GLU B 430 29.90 14.07 7.76
CA GLU B 430 28.85 14.99 8.23
C GLU B 430 28.70 15.01 9.76
N GLY B 431 29.28 14.04 10.44
CA GLY B 431 29.08 13.87 11.88
C GLY B 431 27.61 13.69 12.24
N TYR B 432 27.18 14.29 13.35
CA TYR B 432 25.86 14.07 13.91
C TYR B 432 24.82 15.04 13.36
N SER B 433 25.28 15.87 12.42
CA SER B 433 24.47 16.93 11.84
C SER B 433 23.37 16.42 10.94
N LYS B 434 23.44 15.15 10.55
CA LYS B 434 22.49 14.60 9.59
C LYS B 434 21.79 13.40 10.20
N ARG B 435 20.47 13.42 10.13
CA ARG B 435 19.63 12.47 10.87
C ARG B 435 18.85 11.60 9.91
N PHE B 436 19.13 10.30 9.94
CA PHE B 436 18.60 9.36 8.95
C PHE B 436 17.61 8.40 9.61
N GLY B 437 17.59 8.39 10.94
CA GLY B 437 16.81 7.41 11.70
C GLY B 437 15.29 7.51 11.52
N ILE B 438 14.62 6.41 11.80
CA ILE B 438 13.17 6.35 12.05
C ILE B 438 12.96 6.40 13.57
N VAL B 439 14.05 6.20 14.31
CA VAL B 439 14.16 6.53 15.74
C VAL B 439 15.12 7.74 15.98
N TYR B 440 14.65 8.76 16.71
CA TYR B 440 15.42 9.95 17.07
C TYR B 440 16.36 9.64 18.24
N VAL B 441 17.51 10.30 18.28
CA VAL B 441 18.43 10.12 19.38
C VAL B 441 18.80 11.50 19.89
N ASP B 442 18.54 11.70 21.18
CA ASP B 442 18.89 12.93 21.85
C ASP B 442 20.26 12.62 22.44
N TYR B 443 21.29 13.19 21.80
CA TYR B 443 22.68 12.89 22.13
C TYR B 443 23.09 13.37 23.51
N SER B 444 22.53 14.51 23.94
CA SER B 444 22.74 15.03 25.31
C SER B 444 22.28 14.05 26.40
N THR B 445 21.25 13.25 26.13
CA THR B 445 20.74 12.30 27.13
C THR B 445 20.84 10.83 26.75
N GLN B 446 20.90 10.55 25.44
CA GLN B 446 20.81 9.19 24.83
C GLN B 446 19.40 8.61 24.82
N LYS B 447 18.41 9.52 24.86
CA LYS B 447 17.00 9.13 24.86
C LYS B 447 16.58 8.76 23.43
N ARG B 448 15.92 7.60 23.31
CA ARG B 448 15.32 7.17 22.06
C ARG B 448 13.90 7.71 21.96
N ILE B 449 13.58 8.30 20.80
CA ILE B 449 12.24 8.77 20.48
C ILE B 449 11.82 8.29 19.08
N VAL B 450 11.03 7.22 19.03
CA VAL B 450 10.47 6.73 17.76
C VAL B 450 9.84 7.90 17.02
N LYS B 451 10.02 7.93 15.70
CA LYS B 451 9.43 8.98 14.88
C LYS B 451 8.16 8.45 14.26
N ASP B 452 7.40 9.36 13.67
CA ASP B 452 6.16 8.97 13.02
C ASP B 452 6.45 7.95 11.94
N SER B 453 7.46 8.22 11.11
CA SER B 453 7.97 7.27 10.10
C SER B 453 8.24 5.88 10.68
N GLY B 454 8.65 5.85 11.94
CA GLY B 454 8.87 4.60 12.65
C GLY B 454 7.57 3.87 12.96
N TYR B 455 6.50 4.62 13.27
CA TYR B 455 5.17 4.01 13.46
C TYR B 455 4.58 3.66 12.12
N TRP B 456 4.72 4.56 11.15
CA TRP B 456 4.28 4.30 9.78
C TRP B 456 4.95 3.06 9.16
N TYR B 457 6.23 2.85 9.45
CA TYR B 457 6.94 1.70 8.92
C TYR B 457 6.57 0.43 9.66
N SER B 458 6.32 0.58 10.97
CA SER B 458 5.73 -0.49 11.79
C SER B 458 4.45 -1.04 11.14
N ASN B 459 3.67 -0.15 10.53
CA ASN B 459 2.48 -0.56 9.78
C ASN B 459 2.79 -1.44 8.60
N VAL B 460 3.63 -0.92 7.69
CA VAL B 460 4.05 -1.57 6.45
C VAL B 460 4.38 -3.03 6.73
N VAL B 461 5.22 -3.27 7.74
CA VAL B 461 5.69 -4.62 8.10
C VAL B 461 4.52 -5.55 8.49
N LYS B 462 3.59 -5.00 9.28
CA LYS B 462 2.38 -5.71 9.74
C LYS B 462 1.46 -6.09 8.58
N ASN B 463 1.29 -5.14 7.66
CA ASN B 463 0.45 -5.29 6.48
C ASN B 463 1.16 -5.95 5.30
N ASN B 464 2.46 -6.23 5.47
CA ASN B 464 3.35 -6.64 4.36
C ASN B 464 3.13 -5.80 3.10
N GLY B 465 3.03 -4.49 3.29
CA GLY B 465 2.83 -3.58 2.16
C GLY B 465 2.31 -2.22 2.55
N LEU B 466 1.90 -1.47 1.55
CA LEU B 466 1.44 -0.10 1.67
C LEU B 466 -0.10 -0.08 1.67
N GLU B 467 -0.68 0.87 2.41
CA GLU B 467 -2.14 0.90 2.72
C GLU B 467 -2.71 -0.46 3.18
#